data_9IJE
#
_entry.id   9IJE
#
_cell.length_a   1.00
_cell.length_b   1.00
_cell.length_c   1.00
_cell.angle_alpha   90.00
_cell.angle_beta   90.00
_cell.angle_gamma   90.00
#
_symmetry.space_group_name_H-M   'P 1'
#
loop_
_entity.id
_entity.type
_entity.pdbx_description
1 polymer 'Guanine nucleotide-binding protein G(I)/G(S)/G(T) subunit beta-1'
2 polymer 'Camelid antibody VHH fragment'
3 polymer 'Single-chain Fv16'
4 polymer 'Beta-3 adrenergic receptor'
5 polymer 'Guanine nucleotide-binding protein G(s) subunit alpha isoforms short'
6 polymer 'Guanine nucleotide-binding protein G(I)/G(S)/G(O) subunit gamma-2'
7 non-polymer L-EPINEPHRINE
8 water water
#
loop_
_entity_poly.entity_id
_entity_poly.type
_entity_poly.pdbx_seq_one_letter_code
_entity_poly.pdbx_strand_id
1 'polypeptide(L)'
;QSELDQLRQEAEQLKNQIRDARKACADATLSQITNNIDPVGRIQMRTRRTLRGHLAKIYAMHWGTDSRLLVSASQDGKLI
IWDSYTTNKVHAIPLRSSWVMTCAYAPSGNYVACGGLDNICSIYNLKTREGNVRVSRELAGHTGYLSCCRFLDDNQIVTS
SGDTTCALWDIETGQQTTTFTGHTGDVMSLSLAPDTRLFVSGACDASAKLWDVREGMCRQTFTGHESDINAICFFPNGNA
FATGSDDATCRLFDLRADQELMTYSHDNIICGITSVSFSKSGRLLLAGYDDFNCNVWDALKADRAGVLAGHDNRVSCLGV
TDDGMAVATGSWDSFLKIWN
;
B
2 'polypeptide(L)'
;QVQLQESGGGLVQPGGSLRLSCAASGFTFSNYKMNWVRQAPGKGLEWVSDISQSGASISYTGSVKGRFTISRDNAKNTLY
LQMNSLKPEDTAVYYCARCPAPFTRDCFDVTSTTYAYRGQGTQVTVSS
;
N
3 'polypeptide(L)'
;VQLVESGGGLVQPGGSRKLSCSASGFAFSSFGMHWVRQAPEKGLEWVAYISSGSGTIYYADTVKGRFTISRDDPKNTLFL
QMTSLRSEDTAMYYCVRSIYYYGSSPFDFWGQGTTLTVSSGGGGSGGGGSGGGGADIVMTQATSSVPVTPGESVSISCRS
SKSLLHSNGNTYLYWFLQRPGQSPQLLIYRMSNLASGVPDRFSGSGSGTAFTLTISRLEAEDVGVYYCMQHLEYPLTFGA
GTKLEL
;
D
4 'polypeptide(L)'
;ALLALAVLATVGGNLLVIVAIAWTPRLQTMTNVFVTSLAAADLVMGLLVVPPAATLALTGHWPLGATGCELWTSVDVLCV
TASIWTLCALAVDRYLAVTNPLRYGALVTKRCARTAVVLVWVVSAAVSFAPIMSQWWRVGADAEAQRCHSNPRCCAFASN
MPYVLLSSSVSFYLPLLVMLFVYARVFVVATRQLRLLRGELGRFPPEESPPAPSRSLAPAPVGTCAPPEGVPACGRRPAR
LLPLREHRALCTLGLIMGTFTLCWLPFFLANVLRALGGPSLVPGPAFLALNWLGYANSAFNPLIYCRSPDFRSAFRRLLC
R
;
R
5 'polypeptide(L)'
;LSAEDKAAVERSKMIEKQLQKDKQVYRATHRLLLLGADNSGKSTIVKQMRILHVNGFNGEGGEEDPQAARSNSDGEKATK
VQDIKNNLKEAIETIVAAMSNLVPPVELANPENQFRVDYILSVMNVPDFDFPPEFYEHAKALWEDEGVRACYERSNEYQL
IDCAQYFLDKIDVIKQDDYVPSDQDLLRCRVLTSGIFETKFQVDKVNFHMFDVGGQRDERRKWIQCFNDVTAIIFVVDSS
DYNRLQEALNLFKSIWNNRWLRTISVILFLNKQDLLAEKVLAGKSKIEDYFPEFARYTTPEDATPEPGEDPRVTRAKYFI
RDEFLRISTASGDGRHYCYPHFTCAVDTENARRIFNDCRDIIQRMHLRQYELL
;
A
6 'polypeptide(L)' AQARKLVEQLKMEANIDRIKVSKAAADLMAYCEAHAKEDPLLTPVPASENPF C
#
# COMPACT_ATOMS: atom_id res chain seq x y z
N GLN A 1 46.73 -11.87 -18.37
CA GLN A 1 45.42 -12.17 -18.96
C GLN A 1 45.36 -11.64 -20.39
N SER A 2 46.19 -12.21 -21.28
CA SER A 2 46.19 -11.78 -22.67
C SER A 2 44.87 -12.08 -23.37
N GLU A 3 44.30 -13.26 -23.12
CA GLU A 3 43.03 -13.63 -23.73
C GLU A 3 41.91 -12.69 -23.27
N LEU A 4 41.80 -12.45 -21.97
CA LEU A 4 40.78 -11.50 -21.47
C LEU A 4 41.08 -10.09 -22.01
N ASP A 5 42.35 -9.71 -22.12
CA ASP A 5 42.61 -8.40 -22.74
C ASP A 5 42.01 -8.40 -24.14
N GLN A 6 42.27 -9.45 -24.92
CA GLN A 6 41.79 -9.48 -26.32
C GLN A 6 40.26 -9.35 -26.34
N LEU A 7 39.57 -10.01 -25.44
CA LEU A 7 38.08 -10.01 -25.46
C LEU A 7 37.59 -8.62 -25.06
N ARG A 8 38.19 -8.01 -24.05
CA ARG A 8 37.79 -6.61 -23.69
C ARG A 8 38.05 -5.70 -24.89
N GLN A 9 39.13 -5.93 -25.62
CA GLN A 9 39.47 -5.11 -26.81
C GLN A 9 38.37 -5.26 -27.86
N GLU A 10 37.99 -6.50 -28.17
CA GLU A 10 36.98 -6.66 -29.25
C GLU A 10 35.72 -5.96 -28.74
N ALA A 11 35.43 -6.04 -27.46
CA ALA A 11 34.16 -5.43 -27.01
C ALA A 11 34.23 -3.92 -27.14
N GLU A 12 35.36 -3.31 -26.78
CA GLU A 12 35.52 -1.83 -26.94
C GLU A 12 35.37 -1.46 -28.43
N GLN A 13 35.99 -2.23 -29.30
CA GLN A 13 35.85 -1.97 -30.75
C GLN A 13 34.38 -2.03 -31.15
N LEU A 14 33.66 -3.09 -30.77
CA LEU A 14 32.27 -3.25 -31.23
C LEU A 14 31.40 -2.14 -30.62
N LYS A 15 31.72 -1.68 -29.41
CA LYS A 15 30.89 -0.66 -28.72
C LYS A 15 31.16 0.71 -29.31
N ASN A 16 32.35 0.92 -29.87
CA ASN A 16 32.63 2.20 -30.56
C ASN A 16 32.05 2.15 -31.96
N GLN A 17 31.93 0.95 -32.54
CA GLN A 17 31.35 0.79 -33.89
C GLN A 17 29.84 0.95 -33.78
N ILE A 18 29.25 0.34 -32.75
CA ILE A 18 27.82 0.53 -32.56
C ILE A 18 27.52 2.00 -32.29
N ARG A 19 28.33 2.66 -31.46
CA ARG A 19 28.10 4.07 -31.17
C ARG A 19 28.23 4.93 -32.44
N ASP A 20 29.23 4.62 -33.28
CA ASP A 20 29.36 5.34 -34.54
C ASP A 20 28.17 5.07 -35.46
N ALA A 21 27.71 3.83 -35.51
CA ALA A 21 26.57 3.50 -36.37
C ALA A 21 25.31 4.23 -35.93
N ARG A 22 25.07 4.33 -34.62
CA ARG A 22 23.94 5.11 -34.14
C ARG A 22 24.10 6.58 -34.47
N LYS A 23 25.33 7.11 -34.37
CA LYS A 23 25.56 8.52 -34.66
C LYS A 23 25.29 8.85 -36.12
N ALA A 24 25.58 7.92 -37.03
CA ALA A 24 25.34 8.12 -38.45
C ALA A 24 23.86 8.05 -38.82
N CYS A 25 22.97 7.92 -37.85
CA CYS A 25 21.54 7.87 -38.10
C CYS A 25 20.78 9.06 -37.50
N ALA A 26 21.42 9.87 -36.67
CA ALA A 26 20.75 10.99 -36.02
C ALA A 26 20.88 12.22 -36.92
N ASP A 27 20.08 12.22 -37.99
CA ASP A 27 20.04 13.38 -38.88
C ASP A 27 19.50 14.60 -38.14
N ALA A 28 18.44 14.42 -37.35
CA ALA A 28 17.84 15.49 -36.58
C ALA A 28 17.40 14.91 -35.24
N THR A 29 16.61 15.68 -34.50
CA THR A 29 16.07 15.25 -33.22
C THR A 29 14.55 15.24 -33.27
N LEU A 30 13.96 14.50 -32.32
CA LEU A 30 12.50 14.49 -32.22
C LEU A 30 11.98 15.89 -31.88
N SER A 31 12.67 16.59 -30.98
CA SER A 31 12.30 17.96 -30.67
C SER A 31 12.52 18.91 -31.83
N GLN A 32 13.36 18.53 -32.79
CA GLN A 32 13.59 19.38 -33.96
C GLN A 32 12.42 19.35 -34.93
N ILE A 33 11.82 18.18 -35.16
CA ILE A 33 10.75 18.06 -36.15
C ILE A 33 9.36 18.27 -35.54
N THR A 34 9.24 18.26 -34.22
CA THR A 34 7.97 18.53 -33.55
C THR A 34 7.89 19.96 -33.02
N ASN A 35 8.81 20.83 -33.44
CA ASN A 35 8.79 22.20 -32.97
C ASN A 35 7.67 23.02 -33.60
N ASN A 36 7.07 22.54 -34.69
CA ASN A 36 6.08 23.30 -35.44
C ASN A 36 4.65 22.83 -35.18
N ILE A 37 4.44 21.93 -34.23
CA ILE A 37 3.11 21.48 -33.89
C ILE A 37 2.65 22.22 -32.64
N ASP A 38 1.33 22.34 -32.48
CA ASP A 38 0.78 23.14 -31.40
C ASP A 38 1.05 22.46 -30.06
N PRO A 39 1.24 23.24 -29.00
CA PRO A 39 1.39 22.66 -27.66
C PRO A 39 0.10 21.95 -27.24
N VAL A 40 0.27 20.92 -26.40
CA VAL A 40 -0.87 20.14 -25.97
C VAL A 40 -1.81 20.94 -25.09
N GLY A 41 -1.32 22.04 -24.53
CA GLY A 41 -2.10 22.83 -23.60
C GLY A 41 -1.87 22.41 -22.17
N ARG A 42 -2.77 22.87 -21.31
CA ARG A 42 -2.73 22.53 -19.89
C ARG A 42 -3.73 21.43 -19.61
N ILE A 43 -3.24 20.34 -19.02
CA ILE A 43 -4.08 19.20 -18.64
C ILE A 43 -4.32 19.27 -17.14
N GLN A 44 -5.58 19.24 -16.73
CA GLN A 44 -5.97 19.32 -15.32
C GLN A 44 -6.91 18.17 -15.02
N MET A 45 -6.40 17.13 -14.39
CA MET A 45 -7.18 15.95 -14.04
C MET A 45 -7.63 16.04 -12.59
N ARG A 46 -8.82 15.50 -12.32
CA ARG A 46 -9.41 15.53 -10.99
C ARG A 46 -9.58 14.11 -10.47
N THR A 47 -9.44 13.96 -9.15
CA THR A 47 -9.62 12.67 -8.51
C THR A 47 -11.11 12.30 -8.53
N ARG A 48 -11.48 11.38 -9.42
CA ARG A 48 -12.87 10.98 -9.56
C ARG A 48 -13.27 9.88 -8.59
N ARG A 49 -12.34 9.02 -8.19
CA ARG A 49 -12.62 7.95 -7.25
C ARG A 49 -11.46 7.81 -6.28
N THR A 50 -11.76 7.30 -5.08
CA THR A 50 -10.75 6.95 -4.10
C THR A 50 -11.09 5.59 -3.52
N LEU A 51 -10.21 4.63 -3.72
CA LEU A 51 -10.44 3.26 -3.27
C LEU A 51 -9.74 3.03 -1.94
N ARG A 52 -10.53 2.80 -0.89
CA ARG A 52 -10.02 2.62 0.46
C ARG A 52 -10.33 1.21 0.94
N GLY A 53 -9.48 0.71 1.84
CA GLY A 53 -9.65 -0.63 2.37
C GLY A 53 -8.36 -1.38 2.61
N HIS A 54 -7.30 -1.03 1.88
CA HIS A 54 -5.99 -1.62 2.13
C HIS A 54 -5.43 -1.08 3.44
N LEU A 55 -4.82 -1.97 4.22
CA LEU A 55 -4.34 -1.62 5.55
C LEU A 55 -2.90 -1.13 5.58
N ALA A 56 -2.19 -1.19 4.46
CA ALA A 56 -0.80 -0.76 4.41
C ALA A 56 -0.52 -0.25 3.00
N LYS A 57 0.75 0.08 2.77
CA LYS A 57 1.20 0.62 1.47
C LYS A 57 0.77 -0.24 0.29
N ILE A 58 0.32 0.39 -0.78
CA ILE A 58 0.00 -0.34 -2.00
C ILE A 58 1.25 -0.40 -2.87
N TYR A 59 1.63 -1.62 -3.26
CA TYR A 59 2.90 -1.80 -4.01
C TYR A 59 2.68 -1.86 -5.53
N ALA A 60 1.56 -2.39 -5.99
CA ALA A 60 1.29 -2.62 -7.41
C ALA A 60 -0.21 -2.58 -7.71
N MET A 61 -0.58 -2.44 -8.98
CA MET A 61 -1.98 -2.47 -9.43
C MET A 61 -1.97 -2.80 -10.91
N HIS A 62 -3.03 -3.41 -11.43
CA HIS A 62 -3.13 -3.68 -12.87
C HIS A 62 -4.59 -3.49 -13.27
N TRP A 63 -4.84 -2.74 -14.34
CA TRP A 63 -6.19 -2.59 -14.86
C TRP A 63 -6.65 -3.86 -15.57
N GLY A 64 -7.93 -4.16 -15.48
CA GLY A 64 -8.49 -5.23 -16.27
C GLY A 64 -8.68 -4.81 -17.72
N THR A 65 -8.85 -5.82 -18.58
CA THR A 65 -9.04 -5.56 -20.00
C THR A 65 -10.35 -4.83 -20.28
N ASP A 66 -11.38 -5.06 -19.46
CA ASP A 66 -12.66 -4.38 -19.63
C ASP A 66 -12.63 -2.94 -19.14
N SER A 67 -11.51 -2.48 -18.56
CA SER A 67 -11.32 -1.11 -18.10
C SER A 67 -12.24 -0.75 -16.94
N ARG A 68 -12.75 -1.73 -16.23
CA ARG A 68 -13.61 -1.49 -15.06
C ARG A 68 -13.09 -2.15 -13.79
N LEU A 69 -12.56 -3.36 -13.89
CA LEU A 69 -12.01 -4.08 -12.74
C LEU A 69 -10.51 -3.88 -12.68
N LEU A 70 -9.97 -3.82 -11.45
CA LEU A 70 -8.54 -3.70 -11.25
C LEU A 70 -8.16 -4.43 -9.98
N VAL A 71 -6.93 -4.93 -9.96
CA VAL A 71 -6.38 -5.67 -8.83
C VAL A 71 -5.24 -4.85 -8.23
N SER A 72 -5.17 -4.84 -6.90
CA SER A 72 -4.12 -4.11 -6.19
C SER A 72 -3.48 -5.01 -5.15
N ALA A 73 -2.19 -4.80 -4.94
CA ALA A 73 -1.41 -5.53 -3.94
C ALA A 73 -0.89 -4.56 -2.89
N SER A 74 -0.89 -4.99 -1.64
CA SER A 74 -0.48 -4.15 -0.53
C SER A 74 0.43 -4.93 0.41
N GLN A 75 1.07 -4.19 1.32
CA GLN A 75 1.96 -4.80 2.30
C GLN A 75 1.21 -5.68 3.29
N ASP A 76 -0.10 -5.45 3.48
CA ASP A 76 -0.88 -6.22 4.44
C ASP A 76 -1.07 -7.67 4.03
N GLY A 77 -0.53 -8.09 2.90
CA GLY A 77 -0.69 -9.46 2.46
C GLY A 77 -2.04 -9.76 1.85
N LYS A 78 -2.67 -8.77 1.23
CA LYS A 78 -4.00 -8.91 0.67
C LYS A 78 -4.00 -8.49 -0.79
N LEU A 79 -4.78 -9.20 -1.60
CA LEU A 79 -5.11 -8.80 -2.96
C LEU A 79 -6.59 -8.43 -2.99
N ILE A 80 -6.91 -7.27 -3.56
CA ILE A 80 -8.29 -6.80 -3.65
C ILE A 80 -8.62 -6.53 -5.11
N ILE A 81 -9.72 -7.09 -5.58
CA ILE A 81 -10.28 -6.75 -6.87
C ILE A 81 -11.33 -5.67 -6.65
N TRP A 82 -11.24 -4.59 -7.43
CA TRP A 82 -12.14 -3.46 -7.26
C TRP A 82 -13.03 -3.28 -8.48
N ASP A 83 -14.24 -2.79 -8.23
CA ASP A 83 -15.10 -2.26 -9.28
C ASP A 83 -14.92 -0.74 -9.27
N SER A 84 -14.17 -0.23 -10.23
CA SER A 84 -13.84 1.20 -10.23
C SER A 84 -15.06 2.07 -10.40
N TYR A 85 -16.09 1.57 -11.11
CA TYR A 85 -17.28 2.39 -11.35
C TYR A 85 -18.07 2.61 -10.07
N THR A 86 -18.25 1.57 -9.27
CA THR A 86 -19.10 1.63 -8.08
C THR A 86 -18.33 1.61 -6.77
N THR A 87 -17.00 1.49 -6.82
CA THR A 87 -16.10 1.42 -5.66
C THR A 87 -16.32 0.13 -4.87
N ASN A 88 -17.12 -0.80 -5.37
CA ASN A 88 -17.37 -2.04 -4.67
C ASN A 88 -16.13 -2.94 -4.70
N LYS A 89 -15.95 -3.72 -3.64
CA LYS A 89 -14.89 -4.72 -3.56
C LYS A 89 -15.45 -6.06 -4.04
N VAL A 90 -14.88 -6.58 -5.12
CA VAL A 90 -15.36 -7.82 -5.71
C VAL A 90 -14.77 -9.03 -5.01
N HIS A 91 -13.46 -9.00 -4.74
CA HIS A 91 -12.78 -10.10 -4.05
C HIS A 91 -11.72 -9.55 -3.13
N ALA A 92 -11.43 -10.31 -2.07
CA ALA A 92 -10.31 -10.03 -1.17
C ALA A 92 -9.55 -11.33 -0.99
N ILE A 93 -8.32 -11.37 -1.50
CA ILE A 93 -7.53 -12.60 -1.57
C ILE A 93 -6.40 -12.50 -0.55
N PRO A 94 -6.43 -13.30 0.53
CA PRO A 94 -5.29 -13.34 1.43
C PRO A 94 -4.09 -14.03 0.78
N LEU A 95 -2.91 -13.54 1.13
CA LEU A 95 -1.66 -14.05 0.56
C LEU A 95 -0.80 -14.67 1.65
N ARG A 96 -0.10 -15.74 1.28
CA ARG A 96 0.80 -16.41 2.21
C ARG A 96 1.93 -15.50 2.66
N SER A 97 2.50 -14.75 1.73
CA SER A 97 3.60 -13.83 2.04
C SER A 97 3.12 -12.39 1.88
N SER A 98 3.43 -11.57 2.87
CA SER A 98 3.04 -10.16 2.87
C SER A 98 4.05 -9.28 2.14
N TRP A 99 5.10 -9.85 1.58
CA TRP A 99 6.15 -9.09 0.90
C TRP A 99 5.97 -9.13 -0.61
N VAL A 100 4.71 -9.09 -1.07
CA VAL A 100 4.42 -9.04 -2.49
C VAL A 100 5.04 -7.78 -3.10
N MET A 101 5.43 -7.88 -4.37
CA MET A 101 6.03 -6.75 -5.07
C MET A 101 5.38 -6.46 -6.42
N THR A 102 4.57 -7.38 -6.96
CA THR A 102 3.94 -7.17 -8.24
C THR A 102 2.61 -7.91 -8.27
N CYS A 103 1.72 -7.44 -9.15
CA CYS A 103 0.46 -8.12 -9.38
C CYS A 103 0.07 -7.90 -10.83
N ALA A 104 -0.67 -8.86 -11.39
CA ALA A 104 -1.08 -8.80 -12.78
C ALA A 104 -2.48 -9.37 -12.92
N TYR A 105 -3.18 -8.92 -13.96
CA TYR A 105 -4.56 -9.40 -14.23
C TYR A 105 -4.58 -9.99 -15.64
N ALA A 106 -4.99 -11.26 -15.76
CA ALA A 106 -5.02 -11.95 -17.05
C ALA A 106 -5.94 -11.21 -18.01
N PRO A 107 -5.58 -11.12 -19.29
CA PRO A 107 -6.45 -10.41 -20.24
C PRO A 107 -7.83 -11.04 -20.38
N SER A 108 -7.98 -12.33 -20.07
CA SER A 108 -9.29 -12.96 -20.05
C SER A 108 -10.05 -12.69 -18.76
N GLY A 109 -9.39 -12.17 -17.74
CA GLY A 109 -10.03 -11.88 -16.48
C GLY A 109 -10.24 -13.06 -15.56
N ASN A 110 -9.74 -14.24 -15.94
CA ASN A 110 -9.95 -15.44 -15.15
C ASN A 110 -8.89 -15.66 -14.08
N TYR A 111 -7.74 -15.04 -14.20
CA TYR A 111 -6.64 -15.27 -13.26
C TYR A 111 -5.99 -13.95 -12.87
N VAL A 112 -5.42 -13.94 -11.66
CA VAL A 112 -4.54 -12.88 -11.20
C VAL A 112 -3.26 -13.53 -10.69
N ALA A 113 -2.17 -12.78 -10.76
CA ALA A 113 -0.87 -13.27 -10.35
C ALA A 113 -0.22 -12.29 -9.39
N CYS A 114 0.69 -12.80 -8.57
CA CYS A 114 1.41 -11.96 -7.61
C CYS A 114 2.70 -12.67 -7.23
N GLY A 115 3.63 -11.89 -6.68
CA GLY A 115 4.90 -12.43 -6.25
C GLY A 115 5.73 -11.36 -5.58
N GLY A 116 6.83 -11.78 -4.98
CA GLY A 116 7.66 -10.87 -4.24
C GLY A 116 8.91 -11.51 -3.67
N LEU A 117 9.20 -11.23 -2.40
CA LEU A 117 10.41 -11.74 -1.76
C LEU A 117 10.40 -13.25 -1.59
N ASP A 118 9.27 -13.91 -1.80
CA ASP A 118 9.21 -15.37 -1.75
C ASP A 118 9.78 -16.03 -2.99
N ASN A 119 10.16 -15.26 -4.01
CA ASN A 119 10.75 -15.76 -5.25
C ASN A 119 9.78 -16.65 -6.03
N ILE A 120 8.49 -16.56 -5.76
CA ILE A 120 7.50 -17.43 -6.36
C ILE A 120 6.37 -16.58 -6.94
N CYS A 121 5.95 -16.92 -8.15
CA CYS A 121 4.80 -16.27 -8.79
C CYS A 121 3.59 -17.17 -8.60
N SER A 122 2.61 -16.68 -7.85
CA SER A 122 1.40 -17.43 -7.53
C SER A 122 0.26 -17.04 -8.45
N ILE A 123 -0.43 -18.03 -9.00
CA ILE A 123 -1.56 -17.82 -9.89
C ILE A 123 -2.84 -18.17 -9.15
N TYR A 124 -3.81 -17.27 -9.20
CA TYR A 124 -5.08 -17.43 -8.49
C TYR A 124 -6.21 -17.52 -9.50
N ASN A 125 -7.05 -18.54 -9.35
CA ASN A 125 -8.22 -18.73 -10.21
C ASN A 125 -9.38 -17.96 -9.62
N LEU A 126 -9.93 -17.02 -10.39
CA LEU A 126 -11.02 -16.18 -9.92
C LEU A 126 -12.39 -16.82 -10.12
N LYS A 127 -12.51 -17.76 -11.05
CA LYS A 127 -13.81 -18.36 -11.40
C LYS A 127 -13.75 -19.85 -11.09
N THR A 128 -14.08 -20.19 -9.85
CA THR A 128 -14.15 -21.58 -9.42
C THR A 128 -15.60 -21.96 -9.10
N ARG A 129 -15.90 -23.25 -9.21
CA ARG A 129 -17.23 -23.72 -8.89
C ARG A 129 -17.53 -23.65 -7.39
N GLU A 130 -16.50 -23.61 -6.55
CA GLU A 130 -16.70 -23.52 -5.12
C GLU A 130 -17.03 -22.11 -4.64
N GLY A 131 -16.92 -21.12 -5.53
CA GLY A 131 -17.30 -19.77 -5.21
C GLY A 131 -16.24 -18.92 -4.55
N ASN A 132 -15.09 -19.48 -4.21
CA ASN A 132 -13.99 -18.74 -3.60
C ASN A 132 -12.85 -18.61 -4.60
N VAL A 133 -11.81 -17.90 -4.18
CA VAL A 133 -10.60 -17.71 -4.99
C VAL A 133 -9.52 -18.64 -4.45
N ARG A 134 -9.03 -19.52 -5.31
CA ARG A 134 -8.05 -20.53 -4.94
C ARG A 134 -6.76 -20.32 -5.72
N VAL A 135 -5.63 -20.53 -5.05
CA VAL A 135 -4.35 -20.49 -5.74
C VAL A 135 -4.26 -21.71 -6.66
N SER A 136 -3.93 -21.47 -7.92
CA SER A 136 -3.94 -22.50 -8.94
C SER A 136 -2.56 -23.07 -9.24
N ARG A 137 -1.52 -22.22 -9.19
CA ARG A 137 -0.17 -22.67 -9.50
C ARG A 137 0.82 -21.76 -8.82
N GLU A 138 1.90 -22.35 -8.30
CA GLU A 138 2.99 -21.61 -7.68
C GLU A 138 4.24 -21.84 -8.53
N LEU A 139 4.62 -20.84 -9.32
CA LEU A 139 5.74 -20.96 -10.25
C LEU A 139 7.04 -20.71 -9.50
N ALA A 140 7.85 -21.76 -9.33
CA ALA A 140 9.12 -21.68 -8.63
C ALA A 140 10.27 -21.95 -9.60
N GLY A 141 11.42 -21.37 -9.29
CA GLY A 141 12.59 -21.52 -10.14
C GLY A 141 13.46 -20.28 -10.19
N HIS A 142 12.89 -19.13 -9.84
CA HIS A 142 13.68 -17.92 -9.72
C HIS A 142 14.43 -17.91 -8.39
N THR A 143 15.69 -17.48 -8.43
CA THR A 143 16.50 -17.31 -7.23
C THR A 143 16.70 -15.82 -7.02
N GLY A 144 15.72 -15.19 -6.40
CA GLY A 144 15.65 -13.75 -6.31
C GLY A 144 14.20 -13.33 -6.39
N TYR A 145 13.91 -12.16 -5.85
CA TYR A 145 12.53 -11.72 -5.69
C TYR A 145 11.86 -11.48 -7.04
N LEU A 146 10.56 -11.74 -7.08
CA LEU A 146 9.74 -11.40 -8.24
C LEU A 146 9.46 -9.90 -8.24
N SER A 147 9.77 -9.24 -9.36
CA SER A 147 9.58 -7.79 -9.47
C SER A 147 8.48 -7.41 -10.45
N CYS A 148 8.19 -8.24 -11.45
CA CYS A 148 7.12 -7.95 -12.39
C CYS A 148 6.68 -9.25 -13.05
N CYS A 149 5.38 -9.32 -13.35
CA CYS A 149 4.80 -10.45 -14.05
C CYS A 149 3.69 -9.94 -14.95
N ARG A 150 3.59 -10.52 -16.14
CA ARG A 150 2.56 -10.14 -17.09
C ARG A 150 2.07 -11.37 -17.83
N PHE A 151 0.76 -11.45 -18.03
CA PHE A 151 0.16 -12.58 -18.74
C PHE A 151 0.24 -12.38 -20.24
N LEU A 152 0.54 -13.46 -20.95
CA LEU A 152 0.41 -13.47 -22.41
C LEU A 152 -0.96 -14.06 -22.80
N ASP A 153 -1.32 -15.18 -22.18
CA ASP A 153 -2.63 -15.77 -22.30
C ASP A 153 -2.91 -16.49 -20.98
N ASP A 154 -3.92 -17.36 -20.97
CA ASP A 154 -4.28 -18.06 -19.73
C ASP A 154 -3.24 -19.09 -19.32
N ASN A 155 -2.29 -19.43 -20.20
CA ASN A 155 -1.29 -20.44 -19.90
C ASN A 155 0.14 -19.96 -20.07
N GLN A 156 0.36 -18.68 -20.37
CA GLN A 156 1.71 -18.15 -20.55
C GLN A 156 1.85 -16.86 -19.76
N ILE A 157 2.94 -16.76 -19.01
CA ILE A 157 3.24 -15.59 -18.19
C ILE A 157 4.73 -15.33 -18.23
N VAL A 158 5.10 -14.06 -18.31
CA VAL A 158 6.49 -13.61 -18.35
C VAL A 158 6.80 -12.90 -17.05
N THR A 159 7.89 -13.29 -16.40
CA THR A 159 8.27 -12.72 -15.12
C THR A 159 9.66 -12.10 -15.20
N SER A 160 9.88 -11.08 -14.39
CA SER A 160 11.20 -10.51 -14.16
C SER A 160 11.57 -10.72 -12.70
N SER A 161 12.86 -10.81 -12.42
CA SER A 161 13.30 -11.25 -11.10
C SER A 161 14.58 -10.54 -10.70
N GLY A 162 14.94 -10.70 -9.44
CA GLY A 162 16.14 -10.11 -8.87
C GLY A 162 17.43 -10.85 -9.15
N ASP A 163 17.38 -12.00 -9.82
CA ASP A 163 18.59 -12.68 -10.24
C ASP A 163 19.03 -12.27 -11.64
N THR A 164 18.68 -11.06 -12.06
CA THR A 164 19.08 -10.49 -13.34
C THR A 164 18.57 -11.31 -14.53
N THR A 165 17.47 -12.02 -14.37
CA THR A 165 16.93 -12.87 -15.42
C THR A 165 15.44 -12.62 -15.59
N CYS A 166 14.95 -13.01 -16.76
CA CYS A 166 13.51 -13.05 -17.04
C CYS A 166 13.18 -14.46 -17.51
N ALA A 167 11.93 -14.87 -17.30
CA ALA A 167 11.51 -16.23 -17.60
C ALA A 167 10.15 -16.23 -18.29
N LEU A 168 9.96 -17.20 -19.17
CA LEU A 168 8.67 -17.48 -19.77
C LEU A 168 8.17 -18.80 -19.21
N TRP A 169 6.97 -18.80 -18.64
CA TRP A 169 6.45 -19.94 -17.90
C TRP A 169 5.30 -20.59 -18.65
N ASP A 170 5.22 -21.91 -18.53
CA ASP A 170 4.03 -22.67 -18.91
C ASP A 170 3.26 -22.96 -17.63
N ILE A 171 2.11 -22.31 -17.48
CA ILE A 171 1.37 -22.39 -16.21
C ILE A 171 0.87 -23.80 -15.97
N GLU A 172 0.45 -24.50 -17.02
CA GLU A 172 -0.11 -25.84 -16.85
C GLU A 172 0.92 -26.79 -16.26
N THR A 173 2.15 -26.76 -16.76
CA THR A 173 3.21 -27.63 -16.25
C THR A 173 4.04 -26.99 -15.16
N GLY A 174 3.92 -25.68 -14.95
CA GLY A 174 4.67 -25.02 -13.90
C GLY A 174 6.16 -24.95 -14.14
N GLN A 175 6.60 -25.06 -15.39
CA GLN A 175 8.01 -25.12 -15.73
C GLN A 175 8.39 -23.96 -16.62
N GLN A 176 9.62 -23.48 -16.47
CA GLN A 176 10.15 -22.44 -17.33
C GLN A 176 10.40 -23.00 -18.72
N THR A 177 9.91 -22.32 -19.74
CA THR A 177 10.17 -22.74 -21.12
C THR A 177 11.32 -21.96 -21.73
N THR A 178 11.41 -20.66 -21.44
CA THR A 178 12.48 -19.82 -21.96
C THR A 178 13.04 -18.98 -20.81
N THR A 179 14.36 -18.81 -20.81
CA THR A 179 15.05 -17.97 -19.84
C THR A 179 15.79 -16.87 -20.60
N PHE A 180 15.62 -15.64 -20.15
CA PHE A 180 16.23 -14.46 -20.78
C PHE A 180 17.33 -13.94 -19.87
N THR A 181 18.57 -14.19 -20.26
CA THR A 181 19.74 -13.79 -19.49
C THR A 181 20.52 -12.73 -20.24
N GLY A 182 21.26 -11.91 -19.50
CA GLY A 182 22.05 -10.85 -20.10
C GLY A 182 22.11 -9.58 -19.29
N HIS A 183 21.10 -9.34 -18.46
CA HIS A 183 21.13 -8.18 -17.58
C HIS A 183 22.18 -8.37 -16.49
N THR A 184 22.68 -7.25 -15.97
CA THR A 184 23.71 -7.26 -14.93
C THR A 184 23.15 -7.05 -13.53
N GLY A 185 22.17 -6.15 -13.38
CA GLY A 185 21.51 -5.93 -12.11
C GLY A 185 20.11 -6.50 -12.09
N ASP A 186 19.43 -6.25 -10.96
CA ASP A 186 18.07 -6.75 -10.78
C ASP A 186 17.15 -6.17 -11.84
N VAL A 187 16.36 -7.02 -12.48
CA VAL A 187 15.39 -6.58 -13.47
C VAL A 187 14.15 -6.08 -12.73
N MET A 188 13.88 -4.78 -12.86
CA MET A 188 12.85 -4.13 -12.07
C MET A 188 11.49 -4.07 -12.74
N SER A 189 11.44 -4.09 -14.07
CA SER A 189 10.17 -3.94 -14.77
C SER A 189 10.25 -4.65 -16.11
N LEU A 190 9.07 -4.93 -16.67
CA LEU A 190 8.96 -5.47 -18.01
C LEU A 190 7.68 -4.95 -18.64
N SER A 191 7.67 -4.88 -19.97
CA SER A 191 6.52 -4.38 -20.71
C SER A 191 6.36 -5.18 -22.00
N LEU A 192 5.19 -5.80 -22.16
CA LEU A 192 4.91 -6.57 -23.37
C LEU A 192 4.54 -5.66 -24.52
N ALA A 193 4.91 -6.08 -25.73
CA ALA A 193 4.51 -5.38 -26.93
C ALA A 193 3.02 -5.59 -27.19
N PRO A 194 2.39 -4.70 -27.97
CA PRO A 194 0.97 -4.90 -28.29
C PRO A 194 0.67 -6.22 -28.97
N ASP A 195 1.58 -6.72 -29.81
CA ASP A 195 1.39 -8.02 -30.44
C ASP A 195 1.89 -9.18 -29.58
N THR A 196 2.49 -8.89 -28.42
CA THR A 196 3.02 -9.87 -27.48
C THR A 196 4.10 -10.76 -28.10
N ARG A 197 4.71 -10.33 -29.20
CA ARG A 197 5.82 -11.06 -29.80
C ARG A 197 7.17 -10.62 -29.26
N LEU A 198 7.22 -9.50 -28.54
CA LEU A 198 8.46 -8.99 -27.96
C LEU A 198 8.11 -8.33 -26.63
N PHE A 199 9.13 -8.10 -25.81
CA PHE A 199 8.93 -7.36 -24.58
C PHE A 199 10.24 -6.70 -24.18
N VAL A 200 10.13 -5.56 -23.49
CA VAL A 200 11.29 -4.81 -23.02
C VAL A 200 11.39 -4.97 -21.51
N SER A 201 12.62 -4.88 -20.99
CA SER A 201 12.86 -4.97 -19.56
C SER A 201 13.87 -3.92 -19.15
N GLY A 202 13.67 -3.37 -17.95
CA GLY A 202 14.60 -2.43 -17.36
C GLY A 202 15.19 -3.02 -16.09
N ALA A 203 16.50 -2.87 -15.93
CA ALA A 203 17.22 -3.51 -14.84
C ALA A 203 18.00 -2.47 -14.04
N CYS A 204 18.60 -2.94 -12.95
CA CYS A 204 19.43 -2.09 -12.11
C CYS A 204 20.85 -2.02 -12.65
N ASP A 205 20.98 -1.70 -13.94
CA ASP A 205 22.29 -1.49 -14.56
C ASP A 205 22.26 -0.32 -15.53
N ALA A 206 21.27 0.56 -15.41
CA ALA A 206 21.11 1.72 -16.28
C ALA A 206 20.96 1.31 -17.75
N SER A 207 20.39 0.13 -17.98
CA SER A 207 20.24 -0.41 -19.32
C SER A 207 18.86 -1.04 -19.47
N ALA A 208 18.36 -1.02 -20.70
CA ALA A 208 17.12 -1.68 -21.08
C ALA A 208 17.39 -2.57 -22.28
N LYS A 209 16.67 -3.69 -22.35
CA LYS A 209 16.90 -4.69 -23.38
C LYS A 209 15.59 -5.07 -24.04
N LEU A 210 15.68 -5.43 -25.33
CA LEU A 210 14.55 -5.91 -26.10
C LEU A 210 14.72 -7.40 -26.35
N TRP A 211 13.69 -8.18 -26.01
CA TRP A 211 13.75 -9.63 -26.09
C TRP A 211 12.73 -10.15 -27.09
N ASP A 212 13.06 -11.26 -27.73
CA ASP A 212 12.12 -11.98 -28.58
C ASP A 212 11.59 -13.17 -27.80
N VAL A 213 10.26 -13.27 -27.70
CA VAL A 213 9.65 -14.30 -26.86
C VAL A 213 9.87 -15.68 -27.46
N ARG A 214 9.65 -15.83 -28.77
CA ARG A 214 9.77 -17.14 -29.41
C ARG A 214 11.22 -17.58 -29.48
N GLU A 215 12.12 -16.70 -29.93
CA GLU A 215 13.52 -17.04 -30.07
C GLU A 215 14.25 -17.07 -28.73
N GLY A 216 13.81 -16.27 -27.76
CA GLY A 216 14.46 -16.24 -26.46
C GLY A 216 15.87 -15.68 -26.46
N MET A 217 16.07 -14.67 -27.31
CA MET A 217 17.39 -14.00 -27.43
C MET A 217 17.23 -12.49 -27.31
N CYS A 218 18.26 -11.80 -26.82
CA CYS A 218 18.23 -10.35 -26.80
C CYS A 218 18.43 -9.80 -28.21
N ARG A 219 17.62 -8.82 -28.59
CA ARG A 219 17.72 -8.20 -29.91
C ARG A 219 18.51 -6.90 -29.89
N GLN A 220 18.16 -5.97 -29.02
CA GLN A 220 18.84 -4.68 -28.93
C GLN A 220 19.01 -4.32 -27.46
N THR A 221 19.99 -3.45 -27.20
CA THR A 221 20.25 -2.91 -25.88
C THR A 221 20.26 -1.39 -25.95
N PHE A 222 19.61 -0.75 -24.97
CA PHE A 222 19.49 0.69 -24.93
C PHE A 222 20.08 1.20 -23.62
N THR A 223 21.12 2.04 -23.72
CA THR A 223 21.86 2.51 -22.55
C THR A 223 21.98 4.03 -22.63
N GLY A 224 21.01 4.72 -22.03
CA GLY A 224 21.08 6.17 -21.95
C GLY A 224 20.98 6.70 -20.53
N HIS A 225 20.37 5.95 -19.64
CA HIS A 225 20.13 6.39 -18.25
C HIS A 225 21.45 6.42 -17.49
N GLU A 226 21.42 6.90 -16.26
CA GLU A 226 22.65 7.01 -15.45
C GLU A 226 22.50 6.22 -14.15
N SER A 227 21.30 5.81 -13.76
CA SER A 227 21.10 4.99 -12.56
C SER A 227 20.08 3.90 -12.88
N ASP A 228 19.62 3.16 -11.88
CA ASP A 228 18.78 1.99 -12.04
C ASP A 228 17.43 2.38 -12.63
N ILE A 229 16.97 1.60 -13.60
CA ILE A 229 15.69 1.84 -14.27
C ILE A 229 14.60 1.12 -13.50
N ASN A 230 13.59 1.87 -13.05
CA ASN A 230 12.51 1.32 -12.23
C ASN A 230 11.25 1.02 -13.02
N ALA A 231 11.03 1.67 -14.15
CA ALA A 231 9.78 1.50 -14.88
C ALA A 231 10.06 1.51 -16.37
N ILE A 232 9.20 0.82 -17.12
CA ILE A 232 9.29 0.75 -18.57
C ILE A 232 7.89 0.58 -19.13
N CYS A 233 7.62 1.20 -20.28
CA CYS A 233 6.30 1.14 -20.88
C CYS A 233 6.42 1.32 -22.39
N PHE A 234 5.77 0.41 -23.12
CA PHE A 234 5.84 0.44 -24.60
C PHE A 234 4.90 1.49 -25.19
N PHE A 235 5.33 2.14 -26.27
CA PHE A 235 4.49 3.10 -26.97
C PHE A 235 3.27 2.37 -27.53
N PRO A 236 2.13 3.06 -27.68
CA PRO A 236 0.91 2.37 -28.12
C PRO A 236 1.04 1.61 -29.43
N ASN A 237 1.82 2.10 -30.39
CA ASN A 237 1.97 1.41 -31.66
C ASN A 237 3.07 0.35 -31.64
N GLY A 238 3.81 0.23 -30.54
CA GLY A 238 4.80 -0.82 -30.39
C GLY A 238 6.13 -0.55 -31.06
N ASN A 239 6.40 0.68 -31.47
CA ASN A 239 7.66 1.02 -32.11
C ASN A 239 8.59 1.83 -31.21
N ALA A 240 8.22 2.05 -29.95
CA ALA A 240 9.02 2.83 -29.03
C ALA A 240 8.62 2.46 -27.61
N PHE A 241 9.41 2.93 -26.65
CA PHE A 241 9.10 2.72 -25.25
C PHE A 241 9.74 3.83 -24.42
N ALA A 242 9.23 3.99 -23.20
CA ALA A 242 9.72 5.00 -22.27
C ALA A 242 10.19 4.33 -20.98
N THR A 243 11.20 4.93 -20.36
CA THR A 243 11.81 4.38 -19.16
C THR A 243 11.91 5.44 -18.08
N GLY A 244 11.81 5.01 -16.83
CA GLY A 244 12.03 5.89 -15.70
C GLY A 244 13.05 5.32 -14.74
N SER A 245 13.93 6.22 -14.30
CA SER A 245 15.06 5.79 -13.49
C SER A 245 15.23 6.59 -12.22
N ASP A 246 16.25 6.25 -11.45
CA ASP A 246 16.57 6.92 -10.18
C ASP A 246 17.40 8.16 -10.50
N ASP A 247 17.82 8.34 -11.75
CA ASP A 247 18.51 9.58 -12.15
C ASP A 247 17.53 10.75 -12.19
N ALA A 248 16.26 10.51 -11.83
CA ALA A 248 15.22 11.58 -11.82
C ALA A 248 14.92 12.01 -13.25
N THR A 249 14.97 11.06 -14.19
CA THR A 249 14.69 11.37 -15.60
C THR A 249 13.82 10.33 -16.26
N CYS A 250 13.07 10.71 -17.27
CA CYS A 250 12.35 9.83 -18.18
C CYS A 250 12.93 9.97 -19.59
N ARG A 251 13.03 8.85 -20.28
CA ARG A 251 13.66 8.85 -21.61
C ARG A 251 12.82 8.02 -22.57
N LEU A 252 12.83 8.37 -23.84
CA LEU A 252 12.09 7.69 -24.90
C LEU A 252 13.09 7.09 -25.88
N PHE A 253 12.90 5.82 -26.20
CA PHE A 253 13.78 5.09 -27.10
C PHE A 253 12.99 4.55 -28.28
N ASP A 254 13.61 4.57 -29.46
CA ASP A 254 12.99 4.05 -30.67
C ASP A 254 13.61 2.71 -31.03
N LEU A 255 12.76 1.76 -31.43
CA LEU A 255 13.25 0.42 -31.73
C LEU A 255 14.02 0.38 -33.03
N ARG A 256 13.51 1.03 -34.08
CA ARG A 256 14.16 0.99 -35.38
C ARG A 256 15.21 2.08 -35.55
N ALA A 257 15.34 3.00 -34.61
CA ALA A 257 16.45 3.95 -34.61
C ALA A 257 17.58 3.53 -33.68
N ASP A 258 17.30 2.65 -32.72
CA ASP A 258 18.31 2.08 -31.82
C ASP A 258 19.00 3.17 -31.00
N GLN A 259 18.24 4.17 -30.58
CA GLN A 259 18.79 5.24 -29.77
C GLN A 259 17.64 6.00 -29.11
N GLU A 260 18.00 6.81 -28.11
CA GLU A 260 17.01 7.63 -27.41
C GLU A 260 16.57 8.79 -28.28
N LEU A 261 15.30 9.17 -28.13
CA LEU A 261 14.73 10.28 -28.88
C LEU A 261 14.58 11.55 -28.05
N MET A 262 14.17 11.42 -26.79
CA MET A 262 13.97 12.61 -25.96
C MET A 262 14.19 12.25 -24.50
N THR A 263 14.53 13.27 -23.72
CA THR A 263 14.67 13.17 -22.28
C THR A 263 13.66 14.09 -21.62
N TYR A 264 13.00 13.59 -20.58
CA TYR A 264 11.99 14.34 -19.83
C TYR A 264 12.53 14.60 -18.44
N SER A 265 13.11 15.78 -18.23
CA SER A 265 13.68 16.12 -16.94
C SER A 265 13.73 17.63 -16.79
N HIS A 266 13.92 18.07 -15.55
CA HIS A 266 14.10 19.48 -15.23
C HIS A 266 15.07 19.59 -14.07
N ASP A 267 15.77 20.72 -13.99
CA ASP A 267 16.78 20.90 -12.95
C ASP A 267 16.19 20.84 -11.56
N ASN A 268 14.92 21.23 -11.40
CA ASN A 268 14.28 21.20 -10.10
C ASN A 268 13.66 19.85 -9.75
N ILE A 269 13.73 18.88 -10.66
CA ILE A 269 13.24 17.53 -10.39
C ILE A 269 14.43 16.68 -9.97
N ILE A 270 14.43 16.24 -8.71
CA ILE A 270 15.57 15.51 -8.16
C ILE A 270 15.10 14.22 -7.52
N CYS A 271 13.87 13.82 -7.81
CA CYS A 271 13.28 12.62 -7.24
C CYS A 271 13.14 11.53 -8.30
N GLY A 272 13.39 10.29 -7.89
CA GLY A 272 13.36 9.19 -8.84
C GLY A 272 11.96 8.86 -9.30
N ILE A 273 11.88 8.21 -10.45
CA ILE A 273 10.61 7.82 -11.06
C ILE A 273 10.32 6.37 -10.66
N THR A 274 9.09 6.11 -10.21
CA THR A 274 8.68 4.77 -9.83
C THR A 274 7.82 4.09 -10.87
N SER A 275 7.14 4.85 -11.73
CA SER A 275 6.21 4.25 -12.69
C SER A 275 5.98 5.22 -13.84
N VAL A 276 5.82 4.67 -15.05
CA VAL A 276 5.49 5.45 -16.24
C VAL A 276 4.38 4.74 -16.99
N SER A 277 3.63 5.51 -17.78
CA SER A 277 2.58 4.97 -18.62
C SER A 277 2.25 6.00 -19.70
N PHE A 278 1.57 5.53 -20.74
CA PHE A 278 1.18 6.36 -21.86
C PHE A 278 -0.34 6.49 -21.92
N SER A 279 -0.80 7.65 -22.38
CA SER A 279 -2.19 7.75 -22.79
C SER A 279 -2.41 6.94 -24.06
N LYS A 280 -3.67 6.57 -24.31
CA LYS A 280 -3.95 5.62 -25.38
C LYS A 280 -3.58 6.16 -26.76
N SER A 281 -3.40 7.47 -26.91
CA SER A 281 -2.87 8.02 -28.14
C SER A 281 -1.35 8.09 -28.15
N GLY A 282 -0.72 8.00 -26.98
CA GLY A 282 0.72 8.14 -26.87
C GLY A 282 1.21 9.56 -26.76
N ARG A 283 0.33 10.55 -26.86
CA ARG A 283 0.76 11.94 -26.81
C ARG A 283 1.18 12.36 -25.41
N LEU A 284 0.56 11.81 -24.37
CA LEU A 284 0.85 12.16 -23.00
C LEU A 284 1.63 11.03 -22.33
N LEU A 285 2.69 11.39 -21.63
CA LEU A 285 3.46 10.45 -20.83
C LEU A 285 3.29 10.80 -19.36
N LEU A 286 2.78 9.86 -18.58
CA LEU A 286 2.54 10.05 -17.15
C LEU A 286 3.61 9.32 -16.36
N ALA A 287 4.19 10.00 -15.38
CA ALA A 287 5.26 9.43 -14.57
C ALA A 287 5.02 9.76 -13.11
N GLY A 288 5.14 8.75 -12.24
CA GLY A 288 5.05 8.94 -10.81
C GLY A 288 6.44 9.05 -10.20
N TYR A 289 6.54 9.86 -9.15
CA TYR A 289 7.83 10.20 -8.56
C TYR A 289 7.84 9.85 -7.07
N ASP A 290 9.01 10.02 -6.46
CA ASP A 290 9.18 9.81 -5.03
C ASP A 290 8.63 10.96 -4.18
N ASP A 291 8.41 12.13 -4.78
CA ASP A 291 7.99 13.32 -4.05
C ASP A 291 6.48 13.40 -3.88
N PHE A 292 5.78 12.27 -3.95
CA PHE A 292 4.35 12.09 -3.73
C PHE A 292 3.51 12.59 -4.90
N ASN A 293 4.12 12.97 -6.02
CA ASN A 293 3.41 13.58 -7.12
C ASN A 293 3.62 12.78 -8.42
N CYS A 294 2.72 13.01 -9.37
CA CYS A 294 2.83 12.46 -10.72
C CYS A 294 2.83 13.62 -11.71
N ASN A 295 3.65 13.48 -12.75
CA ASN A 295 3.79 14.51 -13.77
C ASN A 295 3.22 14.03 -15.10
N VAL A 296 2.49 14.90 -15.77
CA VAL A 296 1.98 14.63 -17.12
C VAL A 296 2.90 15.36 -18.10
N TRP A 297 3.48 14.61 -19.02
CA TRP A 297 4.47 15.14 -19.96
C TRP A 297 3.91 15.16 -21.37
N ASP A 298 4.25 16.19 -22.12
CA ASP A 298 4.01 16.20 -23.57
C ASP A 298 5.10 15.33 -24.19
N ALA A 299 4.72 14.12 -24.59
CA ALA A 299 5.72 13.15 -25.05
C ALA A 299 6.42 13.59 -26.32
N LEU A 300 5.77 14.37 -27.17
CA LEU A 300 6.37 14.83 -28.41
C LEU A 300 7.15 16.13 -28.25
N LYS A 301 7.01 16.82 -27.12
CA LYS A 301 7.63 18.12 -26.92
C LYS A 301 8.42 18.23 -25.62
N ALA A 302 8.41 17.21 -24.76
CA ALA A 302 9.12 17.20 -23.48
C ALA A 302 8.70 18.34 -22.56
N ASP A 303 7.47 18.81 -22.69
CA ASP A 303 6.94 19.86 -21.84
C ASP A 303 6.00 19.27 -20.81
N ARG A 304 6.06 19.79 -19.59
CA ARG A 304 5.18 19.32 -18.52
C ARG A 304 3.80 19.93 -18.71
N ALA A 305 2.80 19.06 -18.90
CA ALA A 305 1.44 19.51 -19.18
C ALA A 305 0.56 19.60 -17.92
N GLY A 306 0.96 18.98 -16.82
CA GLY A 306 0.16 19.03 -15.62
C GLY A 306 0.73 18.12 -14.56
N VAL A 307 0.02 18.07 -13.43
CA VAL A 307 0.41 17.24 -12.30
C VAL A 307 -0.81 16.48 -11.80
N LEU A 308 -0.53 15.41 -11.03
CA LEU A 308 -1.56 14.64 -10.33
C LEU A 308 -1.19 14.66 -8.86
N ALA A 309 -1.65 15.68 -8.15
CA ALA A 309 -1.35 15.86 -6.74
C ALA A 309 -2.55 15.46 -5.88
N GLY A 310 -2.27 14.93 -4.71
CA GLY A 310 -3.32 14.48 -3.82
C GLY A 310 -2.98 13.25 -3.01
N HIS A 311 -1.84 12.61 -3.30
CA HIS A 311 -1.36 11.49 -2.53
C HIS A 311 -0.47 11.98 -1.39
N ASP A 312 -0.57 11.33 -0.24
CA ASP A 312 0.16 11.74 0.94
C ASP A 312 1.49 11.04 1.12
N ASN A 313 1.84 10.12 0.24
CA ASN A 313 3.10 9.38 0.35
C ASN A 313 3.57 9.01 -1.06
N ARG A 314 4.63 8.20 -1.11
CA ARG A 314 5.28 7.89 -2.37
C ARG A 314 4.33 7.18 -3.34
N VAL A 315 4.32 7.64 -4.59
CA VAL A 315 3.54 7.00 -5.63
C VAL A 315 4.27 5.76 -6.10
N SER A 316 3.66 4.59 -5.91
CA SER A 316 4.33 3.31 -6.16
C SER A 316 3.96 2.68 -7.49
N CYS A 317 2.77 2.96 -8.02
CA CYS A 317 2.32 2.33 -9.25
C CYS A 317 1.42 3.28 -10.01
N LEU A 318 1.25 3.01 -11.31
CA LEU A 318 0.54 3.89 -12.22
C LEU A 318 0.02 3.05 -13.39
N GLY A 319 -1.17 3.35 -13.86
CA GLY A 319 -1.76 2.59 -14.95
C GLY A 319 -2.87 3.36 -15.64
N VAL A 320 -3.05 3.07 -16.93
CA VAL A 320 -4.07 3.67 -17.75
C VAL A 320 -4.92 2.58 -18.36
N THR A 321 -6.23 2.78 -18.40
CA THR A 321 -7.15 1.78 -18.89
C THR A 321 -6.93 1.50 -20.37
N ASP A 322 -7.34 0.30 -20.81
CA ASP A 322 -7.16 -0.10 -22.20
C ASP A 322 -7.94 0.79 -23.17
N ASP A 323 -9.01 1.43 -22.71
CA ASP A 323 -9.75 2.37 -23.54
C ASP A 323 -9.31 3.81 -23.31
N GLY A 324 -8.26 4.03 -22.53
CA GLY A 324 -7.74 5.37 -22.32
C GLY A 324 -8.66 6.30 -21.58
N MET A 325 -9.60 5.76 -20.80
CA MET A 325 -10.62 6.58 -20.16
C MET A 325 -10.20 7.11 -18.80
N ALA A 326 -9.28 6.46 -18.11
CA ALA A 326 -8.92 6.90 -16.77
C ALA A 326 -7.51 6.46 -16.42
N VAL A 327 -6.96 7.09 -15.38
CA VAL A 327 -5.65 6.76 -14.83
C VAL A 327 -5.84 6.39 -13.36
N ALA A 328 -5.19 5.31 -12.94
CA ALA A 328 -5.19 4.89 -11.55
C ALA A 328 -3.79 5.01 -10.98
N THR A 329 -3.70 5.56 -9.77
CA THR A 329 -2.43 5.75 -9.07
C THR A 329 -2.49 5.08 -7.71
N GLY A 330 -1.50 4.25 -7.41
CA GLY A 330 -1.33 3.70 -6.09
C GLY A 330 -0.23 4.42 -5.35
N SER A 331 -0.32 4.40 -4.01
CA SER A 331 0.61 5.16 -3.20
C SER A 331 0.88 4.43 -1.90
N TRP A 332 1.93 4.87 -1.21
CA TRP A 332 2.31 4.31 0.08
C TRP A 332 1.41 4.77 1.22
N ASP A 333 0.39 5.57 0.93
CA ASP A 333 -0.59 5.96 1.94
C ASP A 333 -1.78 5.02 1.98
N SER A 334 -1.74 3.90 1.26
CA SER A 334 -2.73 2.82 1.27
C SER A 334 -4.03 3.21 0.56
N PHE A 335 -3.97 4.07 -0.45
CA PHE A 335 -5.15 4.46 -1.21
C PHE A 335 -4.87 4.36 -2.70
N LEU A 336 -5.94 4.20 -3.48
CA LEU A 336 -5.89 4.26 -4.93
C LEU A 336 -6.82 5.37 -5.40
N LYS A 337 -6.36 6.13 -6.40
CA LYS A 337 -7.13 7.25 -6.93
C LYS A 337 -7.31 7.08 -8.43
N ILE A 338 -8.50 7.38 -8.91
CA ILE A 338 -8.83 7.36 -10.33
C ILE A 338 -8.94 8.81 -10.80
N TRP A 339 -8.22 9.13 -11.86
CA TRP A 339 -8.13 10.51 -12.34
C TRP A 339 -8.73 10.64 -13.73
N ASN A 340 -9.29 11.81 -14.01
CA ASN A 340 -9.92 12.11 -15.29
C ASN A 340 -9.96 13.61 -15.54
N GLN B 1 27.01 5.13 -22.20
CA GLN B 1 26.50 4.63 -20.90
C GLN B 1 27.48 5.01 -19.78
N VAL B 2 27.34 4.39 -18.61
CA VAL B 2 28.21 4.70 -17.49
C VAL B 2 29.53 3.95 -17.69
N GLN B 3 30.63 4.69 -17.72
CA GLN B 3 31.95 4.12 -17.96
C GLN B 3 32.92 4.63 -16.91
N LEU B 4 33.70 3.71 -16.33
CA LEU B 4 34.77 4.04 -15.40
C LEU B 4 36.04 3.35 -15.84
N GLN B 5 37.08 4.13 -16.10
CA GLN B 5 38.36 3.58 -16.58
C GLN B 5 39.42 3.88 -15.54
N GLU B 6 40.04 2.83 -15.01
CA GLU B 6 41.05 2.98 -13.99
C GLU B 6 42.45 2.86 -14.60
N SER B 7 43.35 3.71 -14.15
CA SER B 7 44.70 3.73 -14.69
C SER B 7 45.67 4.19 -13.60
N GLY B 8 46.95 3.89 -13.81
CA GLY B 8 48.00 4.27 -12.89
C GLY B 8 48.54 3.17 -12.01
N GLY B 9 48.07 1.93 -12.19
CA GLY B 9 48.53 0.83 -11.37
C GLY B 9 49.72 0.14 -12.01
N GLY B 10 50.66 -0.28 -11.18
CA GLY B 10 51.85 -0.95 -11.65
C GLY B 10 52.58 -1.66 -10.53
N LEU B 11 53.86 -1.92 -10.77
CA LEU B 11 54.72 -2.64 -9.84
C LEU B 11 55.61 -1.64 -9.12
N VAL B 12 55.58 -1.68 -7.78
CA VAL B 12 56.41 -0.82 -6.95
C VAL B 12 57.03 -1.65 -5.83
N GLN B 13 58.09 -1.11 -5.26
CA GLN B 13 58.79 -1.71 -4.13
C GLN B 13 58.13 -1.27 -2.82
N PRO B 14 58.29 -2.04 -1.75
CA PRO B 14 57.74 -1.63 -0.46
C PRO B 14 58.27 -0.26 -0.05
N GLY B 15 57.39 0.56 0.52
CA GLY B 15 57.71 1.92 0.86
C GLY B 15 57.60 2.91 -0.28
N GLY B 16 57.27 2.46 -1.48
CA GLY B 16 57.15 3.32 -2.63
C GLY B 16 55.81 4.04 -2.66
N SER B 17 55.57 4.74 -3.76
CA SER B 17 54.37 5.54 -3.94
C SER B 17 53.74 5.26 -5.29
N LEU B 18 52.42 5.44 -5.36
CA LEU B 18 51.67 5.30 -6.60
C LEU B 18 50.52 6.29 -6.59
N ARG B 19 50.05 6.62 -7.79
CA ARG B 19 48.89 7.49 -7.97
C ARG B 19 47.96 6.85 -8.98
N LEU B 20 46.71 6.63 -8.58
CA LEU B 20 45.70 6.02 -9.44
C LEU B 20 44.67 7.07 -9.87
N SER B 21 44.22 6.94 -11.11
CA SER B 21 43.24 7.84 -11.67
C SER B 21 42.06 7.04 -12.21
N CYS B 22 40.86 7.59 -12.02
CA CYS B 22 39.63 6.97 -12.50
C CYS B 22 38.85 8.02 -13.29
N ALA B 23 38.85 7.89 -14.61
CA ALA B 23 38.13 8.80 -15.48
C ALA B 23 36.71 8.31 -15.67
N ALA B 24 35.74 9.19 -15.44
CA ALA B 24 34.33 8.84 -15.49
C ALA B 24 33.65 9.55 -16.65
N SER B 25 32.65 8.88 -17.22
CA SER B 25 31.86 9.46 -18.30
C SER B 25 30.48 8.82 -18.30
N GLY B 26 29.54 9.48 -18.97
CA GLY B 26 28.19 8.98 -19.09
C GLY B 26 27.27 9.34 -17.95
N PHE B 27 27.73 10.13 -16.98
CA PHE B 27 26.87 10.57 -15.89
C PHE B 27 27.43 11.87 -15.32
N THR B 28 26.59 12.58 -14.58
CA THR B 28 26.98 13.83 -13.94
C THR B 28 27.89 13.49 -12.77
N PHE B 29 29.19 13.72 -12.94
CA PHE B 29 30.17 13.29 -11.95
C PHE B 29 29.95 13.97 -10.60
N SER B 30 29.63 15.26 -10.61
CA SER B 30 29.51 16.04 -9.38
C SER B 30 28.29 15.65 -8.55
N ASN B 31 27.38 14.84 -9.08
CA ASN B 31 26.16 14.49 -8.39
C ASN B 31 26.27 13.23 -7.53
N TYR B 32 27.39 12.51 -7.60
CA TYR B 32 27.51 11.21 -6.96
C TYR B 32 28.67 11.18 -5.98
N LYS B 33 28.52 10.34 -4.95
CA LYS B 33 29.60 10.01 -4.04
C LYS B 33 30.42 8.87 -4.62
N MET B 34 31.74 9.00 -4.54
CA MET B 34 32.65 8.08 -5.22
C MET B 34 33.44 7.28 -4.20
N ASN B 35 33.81 6.05 -4.58
CA ASN B 35 34.49 5.13 -3.68
C ASN B 35 35.67 4.48 -4.40
N TRP B 36 36.62 4.00 -3.61
CA TRP B 36 37.71 3.15 -4.07
C TRP B 36 37.57 1.78 -3.40
N VAL B 37 37.61 0.72 -4.19
CA VAL B 37 37.43 -0.64 -3.71
C VAL B 37 38.55 -1.50 -4.27
N ARG B 38 39.04 -2.44 -3.45
CA ARG B 38 40.12 -3.32 -3.87
C ARG B 38 39.75 -4.76 -3.56
N GLN B 39 40.46 -5.68 -4.20
CA GLN B 39 40.27 -7.11 -3.99
C GLN B 39 41.64 -7.79 -3.98
N ALA B 40 42.09 -8.17 -2.79
CA ALA B 40 43.34 -8.90 -2.66
C ALA B 40 43.18 -10.31 -3.21
N PRO B 41 44.26 -10.92 -3.69
CA PRO B 41 44.17 -12.29 -4.21
C PRO B 41 43.65 -13.25 -3.15
N GLY B 42 42.71 -14.10 -3.56
CA GLY B 42 42.09 -15.03 -2.64
C GLY B 42 41.33 -14.37 -1.52
N LYS B 43 40.71 -13.22 -1.79
CA LYS B 43 39.94 -12.50 -0.79
C LYS B 43 38.79 -11.78 -1.48
N GLY B 44 37.79 -11.39 -0.68
CA GLY B 44 36.66 -10.66 -1.19
C GLY B 44 36.95 -9.17 -1.36
N LEU B 45 36.03 -8.50 -2.03
CA LEU B 45 36.17 -7.06 -2.26
C LEU B 45 36.08 -6.30 -0.95
N GLU B 46 36.94 -5.31 -0.79
CA GLU B 46 37.04 -4.54 0.44
C GLU B 46 36.98 -3.06 0.13
N TRP B 47 36.13 -2.34 0.86
CA TRP B 47 36.04 -0.90 0.75
C TRP B 47 37.30 -0.25 1.29
N VAL B 48 37.79 0.78 0.59
CA VAL B 48 39.02 1.47 0.95
C VAL B 48 38.73 2.91 1.39
N SER B 49 38.12 3.70 0.53
CA SER B 49 37.88 5.11 0.82
C SER B 49 36.68 5.60 0.03
N ASP B 50 36.10 6.72 0.47
CA ASP B 50 35.02 7.36 -0.26
C ASP B 50 35.19 8.87 -0.18
N ILE B 51 34.71 9.55 -1.22
CA ILE B 51 34.72 11.01 -1.30
C ILE B 51 33.30 11.48 -1.60
N SER B 52 32.87 12.52 -0.90
CA SER B 52 31.51 13.02 -1.07
C SER B 52 31.37 13.73 -2.42
N GLN B 53 30.16 14.27 -2.65
CA GLN B 53 29.89 14.96 -3.92
C GLN B 53 30.78 16.19 -4.09
N SER B 54 30.94 16.98 -3.02
CA SER B 54 31.77 18.17 -3.07
C SER B 54 33.19 17.92 -2.60
N GLY B 55 33.49 16.75 -2.05
CA GLY B 55 34.80 16.46 -1.51
C GLY B 55 35.02 16.92 -0.09
N ALA B 56 33.98 17.42 0.58
CA ALA B 56 34.13 17.89 1.95
C ALA B 56 34.24 16.75 2.95
N SER B 57 33.52 15.66 2.74
CA SER B 57 33.51 14.53 3.65
C SER B 57 34.35 13.40 3.05
N ILE B 58 35.34 12.94 3.81
CA ILE B 58 36.27 11.91 3.36
C ILE B 58 36.33 10.82 4.43
N SER B 59 36.29 9.56 3.99
CA SER B 59 36.40 8.42 4.89
C SER B 59 37.48 7.47 4.39
N TYR B 60 38.20 6.87 5.33
CA TYR B 60 39.25 5.91 5.03
C TYR B 60 39.06 4.66 5.88
N THR B 61 39.48 3.52 5.32
CA THR B 61 39.56 2.31 6.11
C THR B 61 40.77 2.39 7.05
N GLY B 62 40.72 1.60 8.12
CA GLY B 62 41.76 1.67 9.12
C GLY B 62 43.13 1.24 8.63
N SER B 63 43.17 0.26 7.72
CA SER B 63 44.45 -0.27 7.26
C SER B 63 45.19 0.73 6.37
N VAL B 64 44.50 1.75 5.87
CA VAL B 64 45.07 2.70 4.93
C VAL B 64 45.13 4.11 5.48
N LYS B 65 44.70 4.32 6.72
CA LYS B 65 44.67 5.67 7.28
C LYS B 65 46.08 6.23 7.41
N GLY B 66 46.26 7.47 6.94
CA GLY B 66 47.54 8.13 7.01
C GLY B 66 48.46 7.86 5.83
N ARG B 67 48.15 6.87 5.00
CA ARG B 67 48.99 6.53 3.85
C ARG B 67 48.33 6.78 2.52
N PHE B 68 46.99 6.81 2.46
CA PHE B 68 46.25 6.99 1.23
C PHE B 68 45.54 8.34 1.26
N THR B 69 45.45 8.98 0.10
CA THR B 69 44.75 10.24 -0.05
C THR B 69 43.85 10.18 -1.27
N ILE B 70 42.57 10.50 -1.09
CA ILE B 70 41.59 10.46 -2.15
C ILE B 70 41.13 11.88 -2.45
N SER B 71 40.98 12.18 -3.74
CA SER B 71 40.51 13.49 -4.17
C SER B 71 39.78 13.33 -5.50
N ARG B 72 38.95 14.32 -5.82
CA ARG B 72 38.18 14.32 -7.05
C ARG B 72 38.29 15.67 -7.74
N ASP B 73 38.26 15.64 -9.06
CA ASP B 73 38.24 16.85 -9.88
C ASP B 73 36.91 16.85 -10.62
N ASN B 74 35.95 17.63 -10.11
CA ASN B 74 34.63 17.65 -10.71
C ASN B 74 34.63 18.24 -12.11
N ALA B 75 35.52 19.20 -12.37
CA ALA B 75 35.61 19.78 -13.71
C ALA B 75 36.14 18.76 -14.71
N LYS B 76 37.12 17.95 -14.32
CA LYS B 76 37.73 16.97 -15.19
C LYS B 76 37.03 15.61 -15.15
N ASN B 77 36.04 15.44 -14.27
CA ASN B 77 35.29 14.19 -14.16
C ASN B 77 36.21 13.00 -13.91
N THR B 78 37.16 13.19 -13.01
CA THR B 78 38.14 12.15 -12.70
C THR B 78 38.34 12.05 -11.20
N LEU B 79 38.75 10.86 -10.75
CA LEU B 79 38.96 10.57 -9.35
C LEU B 79 40.39 10.06 -9.15
N TYR B 80 41.00 10.44 -8.03
CA TYR B 80 42.38 10.08 -7.74
C TYR B 80 42.48 9.36 -6.40
N LEU B 81 43.55 8.59 -6.25
CA LEU B 81 43.90 7.96 -4.98
C LEU B 81 45.42 7.91 -4.90
N GLN B 82 46.01 8.84 -4.15
CA GLN B 82 47.44 8.87 -3.93
C GLN B 82 47.80 7.88 -2.83
N MET B 83 48.72 6.98 -3.15
CA MET B 83 49.11 5.92 -2.20
C MET B 83 50.58 6.06 -1.83
N ASN B 84 50.90 6.16 -0.54
CA ASN B 84 52.25 6.36 -0.05
C ASN B 84 52.61 5.27 0.95
N SER B 85 53.91 5.00 1.06
CA SER B 85 54.44 4.02 2.00
C SER B 85 53.78 2.66 1.83
N LEU B 86 53.70 2.22 0.58
CA LEU B 86 53.02 0.97 0.25
C LEU B 86 53.74 -0.22 0.86
N LYS B 87 52.96 -1.22 1.25
CA LYS B 87 53.43 -2.45 1.86
C LYS B 87 52.86 -3.63 1.07
N PRO B 88 53.48 -4.81 1.17
CA PRO B 88 53.01 -5.95 0.37
C PRO B 88 51.56 -6.31 0.60
N GLU B 89 50.98 -5.95 1.75
CA GLU B 89 49.57 -6.21 1.99
C GLU B 89 48.65 -5.41 1.08
N ASP B 90 49.18 -4.40 0.39
CA ASP B 90 48.37 -3.56 -0.49
C ASP B 90 48.27 -4.13 -1.91
N THR B 91 48.89 -5.26 -2.18
CA THR B 91 48.81 -5.87 -3.50
C THR B 91 47.39 -6.36 -3.76
N ALA B 92 46.73 -5.78 -4.76
CA ALA B 92 45.34 -6.08 -5.07
C ALA B 92 44.98 -5.38 -6.38
N VAL B 93 43.77 -5.65 -6.84
CA VAL B 93 43.19 -4.95 -7.98
C VAL B 93 42.27 -3.86 -7.44
N TYR B 94 42.58 -2.60 -7.74
CA TYR B 94 41.86 -1.48 -7.19
C TYR B 94 40.77 -1.03 -8.15
N TYR B 95 39.55 -0.89 -7.63
CA TYR B 95 38.39 -0.51 -8.42
C TYR B 95 37.88 0.85 -7.97
N CYS B 96 37.46 1.64 -8.97
CA CYS B 96 36.85 2.96 -8.70
C CYS B 96 35.33 2.73 -8.80
N ALA B 97 34.61 2.82 -7.69
CA ALA B 97 33.20 2.49 -7.63
C ALA B 97 32.38 3.73 -7.33
N ARG B 98 31.19 3.80 -7.90
CA ARG B 98 30.28 4.94 -7.74
C ARG B 98 29.02 4.51 -7.02
N CYS B 99 28.50 5.40 -6.17
CA CYS B 99 27.25 5.12 -5.48
C CYS B 99 26.10 5.01 -6.47
N PRO B 100 25.14 4.11 -6.21
CA PRO B 100 24.10 3.84 -7.20
C PRO B 100 23.24 5.04 -7.56
N ALA B 101 22.97 5.93 -6.61
CA ALA B 101 22.02 7.01 -6.84
C ALA B 101 22.66 8.35 -6.51
N PRO B 102 22.19 9.44 -7.13
CA PRO B 102 22.72 10.76 -6.82
C PRO B 102 22.07 11.38 -5.60
N PHE B 103 22.74 12.39 -5.05
CA PHE B 103 22.24 13.20 -3.95
C PHE B 103 21.97 12.37 -2.69
N THR B 104 22.71 11.30 -2.50
CA THR B 104 22.54 10.44 -1.34
C THR B 104 23.85 10.31 -0.58
N ARG B 105 23.75 10.24 0.75
CA ARG B 105 24.90 9.95 1.60
C ARG B 105 25.10 8.47 1.82
N ASP B 106 24.09 7.65 1.53
CA ASP B 106 24.23 6.21 1.64
C ASP B 106 24.80 5.63 0.35
N CYS B 107 25.54 4.53 0.50
CA CYS B 107 26.19 3.87 -0.64
C CYS B 107 26.04 2.36 -0.45
N PHE B 108 25.09 1.77 -1.16
CA PHE B 108 24.80 0.35 -1.05
C PHE B 108 25.47 -0.44 -2.16
N ASP B 109 25.92 -1.64 -1.82
CA ASP B 109 26.34 -2.70 -2.75
C ASP B 109 27.56 -2.35 -3.61
N VAL B 110 28.36 -1.36 -3.22
CA VAL B 110 29.55 -1.04 -4.00
C VAL B 110 30.59 -2.14 -3.92
N THR B 111 30.57 -2.96 -2.88
CA THR B 111 31.50 -4.06 -2.71
C THR B 111 30.91 -5.40 -3.09
N SER B 112 29.78 -5.41 -3.79
CA SER B 112 29.15 -6.65 -4.20
C SER B 112 29.99 -7.35 -5.27
N THR B 113 29.68 -8.64 -5.49
CA THR B 113 30.45 -9.43 -6.44
C THR B 113 30.31 -8.89 -7.85
N THR B 114 29.09 -8.53 -8.27
CA THR B 114 28.82 -8.02 -9.61
C THR B 114 28.06 -6.71 -9.45
N TYR B 115 28.78 -5.60 -9.35
CA TYR B 115 28.20 -4.27 -9.23
C TYR B 115 28.35 -3.55 -10.55
N ALA B 116 27.26 -2.96 -11.03
CA ALA B 116 27.25 -2.37 -12.37
C ALA B 116 28.13 -1.13 -12.44
N TYR B 117 28.01 -0.24 -11.47
CA TYR B 117 28.69 1.05 -11.51
C TYR B 117 30.08 0.98 -10.91
N ARG B 118 30.88 0.03 -11.40
CA ARG B 118 32.25 -0.16 -10.94
C ARG B 118 33.13 -0.43 -12.15
N GLY B 119 34.39 -0.01 -12.06
CA GLY B 119 35.31 -0.16 -13.17
C GLY B 119 35.88 -1.57 -13.29
N GLN B 120 36.71 -1.75 -14.31
CA GLN B 120 37.34 -3.04 -14.54
C GLN B 120 38.50 -3.29 -13.57
N GLY B 121 39.14 -2.24 -13.09
CA GLY B 121 40.20 -2.40 -12.11
C GLY B 121 41.58 -2.27 -12.73
N THR B 122 42.52 -1.86 -11.84
CA THR B 122 43.96 -1.72 -12.19
C THR B 122 44.76 -2.50 -11.14
N GLN B 123 45.75 -3.30 -11.56
CA GLN B 123 46.53 -4.16 -10.64
C GLN B 123 47.65 -3.33 -10.02
N VAL B 124 47.83 -3.43 -8.71
CA VAL B 124 48.96 -2.78 -8.04
C VAL B 124 49.70 -3.94 -7.39
N THR B 125 50.99 -4.11 -7.69
CA THR B 125 51.77 -5.17 -7.01
C THR B 125 52.92 -4.59 -6.21
N VAL B 126 52.93 -4.82 -4.90
CA VAL B 126 54.01 -4.35 -4.04
C VAL B 126 54.88 -5.55 -3.70
N SER B 127 56.13 -5.53 -4.19
CA SER B 127 57.04 -6.63 -3.96
C SER B 127 58.47 -6.12 -4.10
N SER B 128 59.39 -6.85 -3.50
CA SER B 128 60.81 -6.51 -3.54
C SER B 128 61.54 -7.31 -4.61
N VAL C 1 -19.93 -29.77 -5.62
CA VAL C 1 -21.08 -28.94 -5.25
C VAL C 1 -22.35 -29.78 -5.21
N GLN C 2 -22.98 -29.84 -4.04
CA GLN C 2 -24.21 -30.61 -3.86
C GLN C 2 -25.14 -29.86 -2.93
N LEU C 3 -26.43 -29.90 -3.24
CA LEU C 3 -27.49 -29.37 -2.39
C LEU C 3 -28.52 -30.46 -2.17
N VAL C 4 -28.79 -30.77 -0.91
CA VAL C 4 -29.69 -31.87 -0.55
C VAL C 4 -30.77 -31.31 0.37
N GLU C 5 -32.03 -31.59 0.04
CA GLU C 5 -33.17 -31.13 0.81
C GLU C 5 -33.79 -32.29 1.58
N SER C 6 -34.23 -32.01 2.80
CA SER C 6 -34.89 -33.00 3.65
C SER C 6 -35.90 -32.31 4.53
N GLY C 7 -36.89 -33.09 4.98
CA GLY C 7 -37.92 -32.60 5.88
C GLY C 7 -39.33 -32.63 5.31
N GLY C 8 -39.51 -32.99 4.04
CA GLY C 8 -40.84 -33.01 3.48
C GLY C 8 -41.67 -34.15 4.06
N GLY C 9 -42.98 -33.99 4.01
CA GLY C 9 -43.89 -35.01 4.49
C GLY C 9 -45.32 -34.58 4.32
N LEU C 10 -46.24 -35.46 4.76
CA LEU C 10 -47.68 -35.15 4.67
C LEU C 10 -48.12 -34.50 5.98
N VAL C 11 -48.68 -33.30 5.91
CA VAL C 11 -49.14 -32.55 7.12
C VAL C 11 -50.65 -32.33 7.01
N GLN C 12 -51.29 -32.00 8.13
CA GLN C 12 -52.76 -31.72 8.10
C GLN C 12 -53.00 -30.49 7.22
N PRO C 13 -54.26 -30.21 6.80
CA PRO C 13 -54.55 -29.01 6.03
C PRO C 13 -53.76 -27.85 6.64
N GLY C 14 -53.69 -27.79 7.98
CA GLY C 14 -52.90 -26.74 8.66
C GLY C 14 -51.94 -27.35 9.67
N GLY C 15 -50.78 -26.74 9.86
CA GLY C 15 -49.77 -27.26 10.83
C GLY C 15 -48.41 -26.62 10.62
N SER C 16 -47.38 -27.11 11.33
CA SER C 16 -46.05 -26.57 11.12
C SER C 16 -45.16 -27.65 10.52
N ARG C 17 -44.08 -27.19 9.88
CA ARG C 17 -43.11 -28.09 9.25
C ARG C 17 -41.84 -27.28 8.97
N LYS C 18 -40.70 -27.92 9.15
CA LYS C 18 -39.40 -27.30 8.92
C LYS C 18 -38.68 -28.03 7.80
N LEU C 19 -38.17 -27.27 6.83
CA LEU C 19 -37.42 -27.82 5.72
C LEU C 19 -35.96 -27.43 5.86
N SER C 20 -35.07 -28.41 5.65
CA SER C 20 -33.64 -28.19 5.77
C SER C 20 -32.94 -28.56 4.46
N CYS C 21 -31.98 -27.73 4.08
CA CYS C 21 -31.16 -27.97 2.89
C CYS C 21 -29.70 -27.96 3.32
N SER C 22 -29.04 -29.11 3.21
CA SER C 22 -27.65 -29.26 3.62
C SER C 22 -26.75 -29.07 2.41
N ALA C 23 -25.75 -28.20 2.55
CA ALA C 23 -24.86 -27.86 1.45
C ALA C 23 -23.46 -28.43 1.69
N SER C 24 -22.84 -28.90 0.61
CA SER C 24 -21.49 -29.44 0.69
C SER C 24 -20.81 -29.28 -0.66
N GLY C 25 -19.52 -28.97 -0.64
CA GLY C 25 -18.74 -28.85 -1.86
C GLY C 25 -18.48 -27.43 -2.33
N PHE C 26 -18.91 -26.42 -1.58
CA PHE C 26 -18.67 -25.04 -1.96
C PHE C 26 -18.73 -24.16 -0.72
N ALA C 27 -18.29 -22.92 -0.88
CA ALA C 27 -18.26 -21.97 0.23
C ALA C 27 -19.66 -21.49 0.55
N PHE C 28 -20.37 -22.23 1.41
CA PHE C 28 -21.78 -21.94 1.66
C PHE C 28 -21.99 -20.55 2.24
N SER C 29 -21.02 -20.05 2.99
CA SER C 29 -21.18 -18.75 3.65
C SER C 29 -21.14 -17.58 2.68
N SER C 30 -20.55 -17.77 1.50
CA SER C 30 -20.39 -16.68 0.53
C SER C 30 -21.55 -16.60 -0.46
N PHE C 31 -22.53 -17.50 -0.38
CA PHE C 31 -23.62 -17.55 -1.34
C PHE C 31 -24.93 -17.14 -0.68
N GLY C 32 -25.76 -16.43 -1.44
CA GLY C 32 -27.13 -16.20 -1.03
C GLY C 32 -28.03 -17.35 -1.43
N MET C 33 -29.02 -17.63 -0.58
CA MET C 33 -29.89 -18.79 -0.74
C MET C 33 -31.30 -18.36 -1.07
N HIS C 34 -31.95 -19.15 -1.93
CA HIS C 34 -33.34 -18.95 -2.30
C HIS C 34 -34.11 -20.24 -2.09
N TRP C 35 -35.40 -20.10 -1.80
CA TRP C 35 -36.33 -21.21 -1.79
C TRP C 35 -37.30 -21.04 -2.95
N VAL C 36 -37.42 -22.08 -3.77
CA VAL C 36 -38.29 -22.06 -4.94
C VAL C 36 -39.17 -23.31 -4.89
N ARG C 37 -40.48 -23.12 -5.00
CA ARG C 37 -41.42 -24.23 -5.03
C ARG C 37 -41.96 -24.42 -6.43
N GLN C 38 -42.60 -25.57 -6.64
CA GLN C 38 -43.19 -25.89 -7.94
C GLN C 38 -44.40 -26.79 -7.67
N ALA C 39 -45.60 -26.22 -7.82
CA ALA C 39 -46.81 -26.99 -7.66
C ALA C 39 -46.87 -28.11 -8.70
N PRO C 40 -47.50 -29.24 -8.37
CA PRO C 40 -47.53 -30.36 -9.33
C PRO C 40 -48.25 -30.03 -10.62
N GLU C 41 -49.09 -29.00 -10.62
CA GLU C 41 -49.81 -28.57 -11.81
C GLU C 41 -49.42 -27.16 -12.24
N LYS C 42 -48.31 -26.63 -11.73
CA LYS C 42 -47.86 -25.29 -12.06
C LYS C 42 -46.35 -25.28 -12.27
N GLY C 43 -45.85 -24.10 -12.62
CA GLY C 43 -44.42 -23.90 -12.84
C GLY C 43 -43.69 -23.47 -11.58
N LEU C 44 -42.50 -22.92 -11.78
CA LEU C 44 -41.68 -22.48 -10.66
C LEU C 44 -42.26 -21.23 -10.01
N GLU C 45 -42.04 -21.11 -8.71
CA GLU C 45 -42.51 -19.95 -7.95
C GLU C 45 -41.50 -19.63 -6.87
N TRP C 46 -40.96 -18.41 -6.89
CA TRP C 46 -40.04 -17.98 -5.85
C TRP C 46 -40.77 -17.87 -4.52
N VAL C 47 -40.12 -18.31 -3.45
CA VAL C 47 -40.70 -18.33 -2.11
C VAL C 47 -40.02 -17.35 -1.19
N ALA C 48 -38.73 -17.51 -0.94
CA ALA C 48 -38.02 -16.69 0.02
C ALA C 48 -36.54 -16.64 -0.34
N TYR C 49 -35.84 -15.69 0.27
CA TYR C 49 -34.42 -15.48 0.00
C TYR C 49 -33.76 -14.91 1.24
N ILE C 50 -32.59 -15.44 1.57
CA ILE C 50 -31.76 -14.92 2.66
C ILE C 50 -30.39 -14.59 2.10
N SER C 51 -29.90 -13.38 2.40
CA SER C 51 -28.65 -12.92 1.83
C SER C 51 -27.47 -13.61 2.50
N SER C 52 -26.30 -13.46 1.89
CA SER C 52 -25.07 -13.94 2.49
C SER C 52 -24.76 -13.12 3.73
N GLY C 53 -24.66 -13.80 4.88
CA GLY C 53 -24.54 -13.13 6.15
C GLY C 53 -25.85 -12.83 6.84
N SER C 54 -26.98 -13.22 6.24
CA SER C 54 -28.31 -13.08 6.84
C SER C 54 -28.70 -11.62 7.07
N GLY C 55 -28.11 -10.69 6.32
CA GLY C 55 -28.45 -9.29 6.49
C GLY C 55 -29.72 -8.86 5.82
N THR C 56 -30.12 -9.54 4.74
CA THR C 56 -31.32 -9.20 3.99
C THR C 56 -32.17 -10.46 3.82
N ILE C 57 -33.44 -10.35 4.20
CA ILE C 57 -34.38 -11.47 4.12
C ILE C 57 -35.64 -10.99 3.44
N TYR C 58 -36.05 -11.70 2.38
CA TYR C 58 -37.24 -11.37 1.62
C TYR C 58 -38.16 -12.57 1.54
N TYR C 59 -39.46 -12.30 1.46
CA TYR C 59 -40.48 -13.33 1.37
C TYR C 59 -41.47 -12.98 0.27
N ALA C 60 -42.13 -14.00 -0.26
CA ALA C 60 -43.23 -13.77 -1.19
C ALA C 60 -44.48 -13.34 -0.43
N ASP C 61 -45.39 -12.69 -1.16
CA ASP C 61 -46.61 -12.20 -0.54
C ASP C 61 -47.48 -13.34 -0.01
N THR C 62 -47.42 -14.49 -0.67
CA THR C 62 -48.27 -15.61 -0.27
C THR C 62 -47.78 -16.31 1.00
N VAL C 63 -46.53 -16.08 1.39
CA VAL C 63 -45.96 -16.75 2.56
C VAL C 63 -45.54 -15.79 3.65
N LYS C 64 -45.68 -14.48 3.44
CA LYS C 64 -45.28 -13.53 4.46
C LYS C 64 -46.11 -13.71 5.72
N GLY C 65 -45.42 -13.84 6.86
CA GLY C 65 -46.05 -14.04 8.13
C GLY C 65 -46.19 -15.50 8.54
N ARG C 66 -46.12 -16.43 7.58
CA ARG C 66 -46.24 -17.85 7.85
C ARG C 66 -44.94 -18.61 7.72
N PHE C 67 -44.03 -18.16 6.85
CA PHE C 67 -42.77 -18.85 6.59
C PHE C 67 -41.62 -18.04 7.16
N THR C 68 -40.62 -18.75 7.68
CA THR C 68 -39.40 -18.14 8.17
C THR C 68 -38.21 -18.86 7.55
N ILE C 69 -37.31 -18.09 6.95
CA ILE C 69 -36.11 -18.64 6.31
C ILE C 69 -34.89 -18.25 7.15
N SER C 70 -33.98 -19.20 7.32
CA SER C 70 -32.81 -18.97 8.15
C SER C 70 -31.68 -19.87 7.68
N ARG C 71 -30.45 -19.49 8.04
CA ARG C 71 -29.25 -20.23 7.70
C ARG C 71 -28.36 -20.33 8.92
N ASP C 72 -27.61 -21.43 8.99
CA ASP C 72 -26.63 -21.65 10.06
C ASP C 72 -25.31 -21.99 9.37
N ASP C 73 -24.48 -20.97 9.18
CA ASP C 73 -23.26 -21.14 8.39
C ASP C 73 -22.30 -22.17 8.99
N PRO C 74 -22.09 -22.23 10.31
CA PRO C 74 -21.28 -23.31 10.88
C PRO C 74 -21.55 -24.70 10.30
N LYS C 75 -22.81 -25.10 10.20
CA LYS C 75 -23.16 -26.44 9.74
C LYS C 75 -23.53 -26.49 8.26
N ASN C 76 -23.47 -25.37 7.55
CA ASN C 76 -23.78 -25.29 6.12
C ASN C 76 -25.19 -25.83 5.85
N THR C 77 -26.17 -25.24 6.52
CA THR C 77 -27.54 -25.70 6.42
C THR C 77 -28.48 -24.51 6.24
N LEU C 78 -29.49 -24.69 5.39
CA LEU C 78 -30.52 -23.68 5.16
C LEU C 78 -31.85 -24.21 5.67
N PHE C 79 -32.58 -23.35 6.38
CA PHE C 79 -33.83 -23.74 7.03
C PHE C 79 -35.00 -22.92 6.52
N LEU C 80 -36.16 -23.57 6.45
CA LEU C 80 -37.41 -22.94 6.06
C LEU C 80 -38.49 -23.39 7.04
N GLN C 81 -38.73 -22.59 8.08
CA GLN C 81 -39.73 -22.90 9.09
C GLN C 81 -41.10 -22.45 8.59
N MET C 82 -41.98 -23.40 8.31
CA MET C 82 -43.31 -23.13 7.78
C MET C 82 -44.35 -23.37 8.86
N THR C 83 -45.22 -22.39 9.08
CA THR C 83 -46.29 -22.48 10.06
C THR C 83 -47.62 -22.16 9.38
N SER C 84 -48.70 -22.67 9.96
CA SER C 84 -50.05 -22.45 9.47
C SER C 84 -50.15 -22.82 7.99
N LEU C 85 -49.72 -24.04 7.68
CA LEU C 85 -49.69 -24.52 6.30
C LEU C 85 -51.09 -24.55 5.72
N ARG C 86 -51.20 -24.21 4.43
CA ARG C 86 -52.47 -24.15 3.73
C ARG C 86 -52.49 -25.19 2.63
N SER C 87 -53.65 -25.31 1.98
CA SER C 87 -53.82 -26.28 0.90
C SER C 87 -53.04 -25.92 -0.35
N GLU C 88 -52.62 -24.66 -0.48
CA GLU C 88 -51.90 -24.21 -1.67
C GLU C 88 -50.39 -24.43 -1.57
N ASP C 89 -49.91 -25.02 -0.49
CA ASP C 89 -48.48 -25.18 -0.26
C ASP C 89 -47.97 -26.56 -0.63
N THR C 90 -48.74 -27.35 -1.38
CA THR C 90 -48.28 -28.65 -1.85
C THR C 90 -47.43 -28.42 -3.09
N ALA C 91 -46.14 -28.69 -2.97
CA ALA C 91 -45.18 -28.43 -4.04
C ALA C 91 -43.86 -29.10 -3.69
N MET C 92 -42.90 -29.00 -4.60
CA MET C 92 -41.54 -29.45 -4.37
C MET C 92 -40.64 -28.23 -4.17
N TYR C 93 -39.93 -28.19 -3.05
CA TYR C 93 -39.17 -27.03 -2.64
C TYR C 93 -37.70 -27.21 -2.96
N TYR C 94 -37.13 -26.24 -3.67
CA TYR C 94 -35.72 -26.24 -4.07
C TYR C 94 -34.96 -25.20 -3.26
N CYS C 95 -33.75 -25.54 -2.85
CA CYS C 95 -32.81 -24.54 -2.34
C CYS C 95 -31.83 -24.20 -3.46
N VAL C 96 -31.74 -22.91 -3.78
CA VAL C 96 -30.96 -22.44 -4.91
C VAL C 96 -29.88 -21.50 -4.39
N ARG C 97 -28.64 -21.73 -4.83
CA ARG C 97 -27.53 -20.87 -4.45
C ARG C 97 -27.39 -19.73 -5.44
N SER C 98 -27.00 -18.56 -4.92
CA SER C 98 -26.88 -17.36 -5.75
C SER C 98 -25.80 -16.47 -5.16
N ILE C 99 -24.78 -16.17 -5.94
CA ILE C 99 -23.70 -15.27 -5.54
C ILE C 99 -23.84 -13.98 -6.33
N TYR C 100 -23.54 -12.85 -5.69
CA TYR C 100 -23.82 -11.54 -6.26
C TYR C 100 -22.57 -10.66 -6.19
N TYR C 101 -21.94 -10.47 -7.34
CA TYR C 101 -20.89 -9.48 -7.53
C TYR C 101 -20.83 -9.16 -9.01
N TYR C 102 -19.99 -8.19 -9.37
CA TYR C 102 -19.90 -7.77 -10.76
C TYR C 102 -19.44 -8.93 -11.64
N GLY C 103 -20.30 -9.31 -12.59
CA GLY C 103 -19.99 -10.40 -13.49
C GLY C 103 -20.33 -11.78 -12.96
N SER C 104 -20.96 -11.88 -11.80
CA SER C 104 -21.29 -13.18 -11.23
C SER C 104 -22.46 -13.81 -12.00
N SER C 105 -22.80 -15.04 -11.62
CA SER C 105 -23.85 -15.81 -12.27
C SER C 105 -24.80 -16.33 -11.21
N PRO C 106 -25.80 -15.53 -10.81
CA PRO C 106 -26.76 -15.98 -9.81
C PRO C 106 -27.61 -17.13 -10.33
N PHE C 107 -28.16 -17.90 -9.38
CA PHE C 107 -29.05 -19.03 -9.65
C PHE C 107 -28.35 -20.12 -10.47
N ASP C 108 -27.05 -20.31 -10.25
CA ASP C 108 -26.29 -21.22 -11.09
C ASP C 108 -26.58 -22.68 -10.78
N PHE C 109 -26.80 -23.02 -9.51
CA PHE C 109 -26.97 -24.41 -9.10
C PHE C 109 -28.27 -24.55 -8.31
N TRP C 110 -29.04 -25.59 -8.64
CA TRP C 110 -30.29 -25.90 -7.97
C TRP C 110 -30.19 -27.26 -7.29
N GLY C 111 -30.81 -27.38 -6.13
CA GLY C 111 -30.84 -28.62 -5.41
C GLY C 111 -31.83 -29.61 -6.00
N GLN C 112 -31.87 -30.78 -5.38
CA GLN C 112 -32.76 -31.84 -5.87
C GLN C 112 -34.22 -31.56 -5.52
N GLY C 113 -34.47 -31.06 -4.32
CA GLY C 113 -35.81 -30.70 -3.91
C GLY C 113 -36.46 -31.77 -3.06
N THR C 114 -37.33 -31.34 -2.15
CA THR C 114 -38.08 -32.24 -1.28
C THR C 114 -39.56 -31.97 -1.49
N THR C 115 -40.34 -33.04 -1.63
CA THR C 115 -41.76 -32.91 -1.90
C THR C 115 -42.56 -32.80 -0.61
N LEU C 116 -43.43 -31.79 -0.55
CA LEU C 116 -44.31 -31.56 0.59
C LEU C 116 -45.74 -31.57 0.10
N THR C 117 -46.61 -32.30 0.81
CA THR C 117 -48.01 -32.45 0.45
C THR C 117 -48.88 -32.12 1.66
N VAL C 118 -49.90 -31.30 1.45
CA VAL C 118 -50.83 -30.92 2.51
C VAL C 118 -52.11 -31.73 2.36
N SER C 119 -52.60 -32.28 3.46
CA SER C 119 -53.79 -33.11 3.44
C SER C 119 -55.06 -32.27 3.53
N ALA C 135 -48.10 -4.50 -8.19
CA ALA C 135 -46.80 -3.93 -8.53
C ALA C 135 -45.76 -5.03 -8.78
N ASP C 136 -46.22 -6.17 -9.28
CA ASP C 136 -45.35 -7.29 -9.60
C ASP C 136 -45.26 -7.45 -11.11
N ILE C 137 -44.06 -7.78 -11.60
CA ILE C 137 -43.89 -7.96 -13.04
C ILE C 137 -44.55 -9.26 -13.48
N VAL C 138 -45.38 -9.17 -14.51
CA VAL C 138 -46.00 -10.34 -15.11
C VAL C 138 -45.12 -10.83 -16.25
N MET C 139 -44.64 -12.07 -16.14
CA MET C 139 -43.82 -12.68 -17.17
C MET C 139 -44.70 -13.60 -18.00
N THR C 140 -44.84 -13.28 -19.28
CA THR C 140 -45.75 -13.99 -20.17
C THR C 140 -44.96 -14.80 -21.18
N GLN C 141 -45.29 -16.08 -21.28
CA GLN C 141 -44.65 -17.00 -22.23
C GLN C 141 -45.75 -17.60 -23.10
N ALA C 142 -45.90 -17.07 -24.31
CA ALA C 142 -46.89 -17.59 -25.23
C ALA C 142 -46.40 -18.90 -25.85
N THR C 143 -47.32 -19.60 -26.51
CA THR C 143 -47.03 -20.87 -27.17
C THR C 143 -46.46 -21.89 -26.18
N SER C 144 -47.32 -22.28 -25.24
CA SER C 144 -46.93 -23.19 -24.17
C SER C 144 -46.61 -24.60 -24.66
N SER C 145 -46.64 -24.85 -25.97
CA SER C 145 -46.24 -26.14 -26.51
C SER C 145 -45.62 -25.93 -27.89
N VAL C 146 -44.45 -26.53 -28.11
CA VAL C 146 -43.73 -26.40 -29.37
C VAL C 146 -43.17 -27.76 -29.78
N PRO C 147 -43.63 -28.34 -30.87
CA PRO C 147 -43.00 -29.58 -31.37
C PRO C 147 -41.78 -29.28 -32.22
N VAL C 148 -40.74 -30.09 -32.06
CA VAL C 148 -39.47 -29.90 -32.76
C VAL C 148 -39.02 -31.23 -33.34
N THR C 149 -37.96 -31.16 -34.14
CA THR C 149 -37.27 -32.32 -34.70
C THR C 149 -35.77 -32.14 -34.52
N PRO C 150 -35.06 -33.17 -34.08
CA PRO C 150 -33.61 -33.03 -33.86
C PRO C 150 -32.89 -32.60 -35.13
N GLY C 151 -31.88 -31.75 -34.95
CA GLY C 151 -31.16 -31.18 -36.07
C GLY C 151 -31.75 -29.92 -36.65
N GLU C 152 -32.70 -29.28 -35.96
CA GLU C 152 -33.36 -28.09 -36.45
C GLU C 152 -33.16 -26.94 -35.47
N SER C 153 -33.52 -25.73 -35.92
CA SER C 153 -33.43 -24.54 -35.09
C SER C 153 -34.82 -24.16 -34.59
N VAL C 154 -34.91 -23.90 -33.29
CA VAL C 154 -36.15 -23.47 -32.66
C VAL C 154 -35.89 -22.19 -31.87
N SER C 155 -36.94 -21.43 -31.63
CA SER C 155 -36.84 -20.15 -30.94
C SER C 155 -38.08 -19.94 -30.09
N ILE C 156 -37.88 -19.48 -28.86
CA ILE C 156 -38.96 -19.22 -27.92
C ILE C 156 -38.82 -17.81 -27.37
N SER C 157 -39.94 -17.18 -27.07
CA SER C 157 -39.98 -15.79 -26.66
C SER C 157 -40.68 -15.65 -25.31
N CYS C 158 -40.23 -14.66 -24.54
CA CYS C 158 -40.81 -14.35 -23.23
C CYS C 158 -40.95 -12.83 -23.14
N ARG C 159 -42.12 -12.38 -22.69
CA ARG C 159 -42.41 -10.96 -22.56
C ARG C 159 -42.67 -10.60 -21.10
N SER C 160 -42.27 -9.39 -20.72
CA SER C 160 -42.45 -8.89 -19.37
C SER C 160 -43.41 -7.70 -19.38
N SER C 161 -44.11 -7.51 -18.26
CA SER C 161 -45.02 -6.37 -18.14
C SER C 161 -44.27 -5.05 -18.20
N LYS C 162 -43.11 -4.98 -17.54
CA LYS C 162 -42.29 -3.78 -17.51
C LYS C 162 -40.91 -4.09 -18.07
N SER C 163 -40.32 -3.10 -18.74
CA SER C 163 -38.99 -3.25 -19.32
C SER C 163 -37.98 -3.59 -18.24
N LEU C 164 -37.14 -4.59 -18.51
CA LEU C 164 -36.14 -5.05 -17.54
C LEU C 164 -34.82 -4.31 -17.66
N LEU C 165 -34.68 -3.40 -18.64
CA LEU C 165 -33.48 -2.57 -18.71
C LEU C 165 -33.45 -1.61 -17.53
N HIS C 166 -32.26 -1.43 -16.94
CA HIS C 166 -32.11 -0.66 -15.73
C HIS C 166 -31.31 0.62 -15.90
N SER C 167 -30.90 0.96 -17.12
CA SER C 167 -30.00 2.06 -17.47
C SER C 167 -28.58 1.80 -17.00
N ASN C 168 -28.32 0.69 -16.30
CA ASN C 168 -26.96 0.24 -16.03
C ASN C 168 -26.35 -0.45 -17.23
N GLY C 169 -27.13 -0.69 -18.28
CA GLY C 169 -26.72 -1.54 -19.37
C GLY C 169 -27.07 -2.99 -19.20
N ASN C 170 -27.61 -3.38 -18.05
CA ASN C 170 -27.94 -4.76 -17.74
C ASN C 170 -29.43 -5.00 -17.91
N THR C 171 -29.78 -6.13 -18.51
CA THR C 171 -31.16 -6.60 -18.60
C THR C 171 -31.28 -7.85 -17.74
N TYR C 172 -32.01 -7.74 -16.64
CA TYR C 172 -32.08 -8.82 -15.65
C TYR C 172 -33.15 -9.83 -16.05
N LEU C 173 -32.83 -10.61 -17.08
CA LEU C 173 -33.69 -11.67 -17.57
C LEU C 173 -32.89 -12.96 -17.59
N TYR C 174 -33.43 -14.02 -16.99
CA TYR C 174 -32.73 -15.28 -16.83
C TYR C 174 -33.52 -16.40 -17.50
N TRP C 175 -32.79 -17.37 -18.06
CA TRP C 175 -33.39 -18.53 -18.72
C TRP C 175 -32.98 -19.79 -17.97
N PHE C 176 -33.96 -20.63 -17.67
CA PHE C 176 -33.73 -21.91 -17.01
C PHE C 176 -34.37 -23.03 -17.80
N LEU C 177 -33.68 -24.17 -17.86
CA LEU C 177 -34.20 -25.37 -18.50
C LEU C 177 -34.38 -26.45 -17.44
N GLN C 178 -35.58 -27.02 -17.38
CA GLN C 178 -35.89 -28.12 -16.47
C GLN C 178 -36.18 -29.36 -17.31
N ARG C 179 -35.30 -30.34 -17.22
CA ARG C 179 -35.52 -31.61 -17.90
C ARG C 179 -36.55 -32.44 -17.13
N PRO C 180 -37.27 -33.32 -17.82
CA PRO C 180 -38.30 -34.13 -17.14
C PRO C 180 -37.69 -35.02 -16.07
N GLY C 181 -38.13 -34.81 -14.83
CA GLY C 181 -37.64 -35.57 -13.70
C GLY C 181 -36.44 -34.99 -12.99
N GLN C 182 -35.82 -33.94 -13.55
CA GLN C 182 -34.64 -33.32 -12.98
C GLN C 182 -34.96 -31.91 -12.50
N SER C 183 -33.99 -31.31 -11.82
CA SER C 183 -34.11 -29.94 -11.37
C SER C 183 -33.82 -28.98 -12.52
N PRO C 184 -34.39 -27.77 -12.49
CA PRO C 184 -34.07 -26.77 -13.51
C PRO C 184 -32.61 -26.35 -13.40
N GLN C 185 -32.05 -25.96 -14.55
CA GLN C 185 -30.65 -25.55 -14.62
C GLN C 185 -30.56 -24.22 -15.36
N LEU C 186 -29.59 -23.40 -14.95
CA LEU C 186 -29.38 -22.10 -15.58
C LEU C 186 -28.83 -22.26 -16.98
N LEU C 187 -29.37 -21.49 -17.93
CA LEU C 187 -28.86 -21.45 -19.29
C LEU C 187 -28.28 -20.07 -19.63
N ILE C 188 -29.07 -19.01 -19.50
CA ILE C 188 -28.66 -17.66 -19.83
C ILE C 188 -28.92 -16.78 -18.62
N TYR C 189 -27.93 -16.00 -18.22
CA TYR C 189 -28.09 -15.05 -17.12
C TYR C 189 -27.85 -13.64 -17.64
N ARG C 190 -28.69 -12.72 -17.20
CA ARG C 190 -28.67 -11.32 -17.63
C ARG C 190 -28.90 -11.17 -19.13
N MET C 191 -29.68 -12.08 -19.71
CA MET C 191 -30.32 -12.03 -21.02
C MET C 191 -29.33 -12.24 -22.17
N SER C 192 -28.03 -12.27 -21.93
CA SER C 192 -27.08 -12.53 -23.01
C SER C 192 -25.96 -13.48 -22.67
N ASN C 193 -25.60 -13.66 -21.40
CA ASN C 193 -24.41 -14.41 -21.04
C ASN C 193 -24.73 -15.90 -20.89
N LEU C 194 -23.93 -16.73 -21.53
CA LEU C 194 -24.08 -18.18 -21.44
C LEU C 194 -23.49 -18.68 -20.15
N ALA C 195 -24.27 -19.47 -19.40
CA ALA C 195 -23.78 -20.00 -18.14
C ALA C 195 -22.67 -21.01 -18.38
N SER C 196 -21.75 -21.10 -17.42
CA SER C 196 -20.63 -22.04 -17.55
C SER C 196 -21.15 -23.47 -17.58
N GLY C 197 -20.63 -24.26 -18.53
CA GLY C 197 -21.10 -25.62 -18.70
C GLY C 197 -22.30 -25.76 -19.60
N VAL C 198 -22.58 -24.77 -20.44
CA VAL C 198 -23.72 -24.81 -21.35
C VAL C 198 -23.20 -24.85 -22.78
N PRO C 199 -23.77 -25.68 -23.65
CA PRO C 199 -23.34 -25.70 -25.05
C PRO C 199 -23.55 -24.36 -25.73
N ASP C 200 -22.66 -24.05 -26.67
CA ASP C 200 -22.68 -22.75 -27.34
C ASP C 200 -23.86 -22.58 -28.29
N ARG C 201 -24.62 -23.66 -28.50
CA ARG C 201 -25.79 -23.63 -29.42
C ARG C 201 -26.86 -22.67 -28.87
N PHE C 202 -26.96 -22.57 -27.56
CA PHE C 202 -27.92 -21.67 -26.91
C PHE C 202 -27.47 -20.23 -27.09
N SER C 203 -28.44 -19.34 -27.34
CA SER C 203 -28.17 -17.92 -27.52
C SER C 203 -29.32 -17.11 -26.95
N GLY C 204 -28.99 -16.01 -26.29
CA GLY C 204 -29.98 -15.11 -25.70
C GLY C 204 -29.88 -13.73 -26.32
N SER C 205 -31.03 -13.18 -26.69
CA SER C 205 -31.08 -11.86 -27.30
C SER C 205 -32.45 -11.25 -27.04
N GLY C 206 -32.54 -9.94 -27.25
CA GLY C 206 -33.79 -9.23 -27.06
C GLY C 206 -33.61 -7.80 -26.61
N SER C 207 -34.71 -7.11 -26.39
CA SER C 207 -34.73 -5.74 -25.89
C SER C 207 -35.62 -5.67 -24.66
N GLY C 208 -35.88 -4.45 -24.19
CA GLY C 208 -36.78 -4.27 -23.08
C GLY C 208 -38.17 -4.79 -23.34
N THR C 209 -38.70 -5.58 -22.41
CA THR C 209 -40.03 -6.18 -22.43
C THR C 209 -40.20 -7.19 -23.56
N ALA C 210 -39.14 -7.56 -24.29
CA ALA C 210 -39.25 -8.54 -25.37
C ALA C 210 -37.94 -9.29 -25.47
N PHE C 211 -37.98 -10.59 -25.18
CA PHE C 211 -36.78 -11.41 -25.14
C PHE C 211 -37.03 -12.69 -25.91
N THR C 212 -35.93 -13.27 -26.42
CA THR C 212 -36.00 -14.48 -27.23
C THR C 212 -34.80 -15.35 -26.92
N LEU C 213 -35.04 -16.66 -26.84
CA LEU C 213 -33.99 -17.64 -26.65
C LEU C 213 -33.91 -18.52 -27.89
N THR C 214 -32.73 -18.60 -28.50
CA THR C 214 -32.53 -19.32 -29.75
C THR C 214 -31.68 -20.56 -29.50
N ILE C 215 -32.16 -21.70 -29.98
CA ILE C 215 -31.45 -22.97 -29.89
C ILE C 215 -31.18 -23.42 -31.32
N SER C 216 -29.93 -23.31 -31.76
CA SER C 216 -29.55 -23.72 -33.11
C SER C 216 -29.08 -25.16 -33.10
N ARG C 217 -29.66 -25.98 -33.98
CA ARG C 217 -29.31 -27.39 -34.12
C ARG C 217 -29.50 -28.14 -32.80
N LEU C 218 -30.76 -28.16 -32.34
CA LEU C 218 -31.07 -28.82 -31.08
C LEU C 218 -30.84 -30.32 -31.19
N GLU C 219 -30.37 -30.92 -30.10
CA GLU C 219 -30.06 -32.33 -30.03
C GLU C 219 -30.91 -32.98 -28.94
N ALA C 220 -30.57 -34.23 -28.61
CA ALA C 220 -31.23 -34.90 -27.51
C ALA C 220 -30.88 -34.22 -26.19
N GLU C 221 -31.69 -34.51 -25.17
CA GLU C 221 -31.60 -33.95 -23.83
C GLU C 221 -31.92 -32.45 -23.80
N ASP C 222 -32.36 -31.87 -24.91
CA ASP C 222 -32.83 -30.50 -24.93
C ASP C 222 -34.31 -30.36 -24.67
N VAL C 223 -35.04 -31.47 -24.60
CA VAL C 223 -36.47 -31.43 -24.36
C VAL C 223 -36.72 -31.10 -22.89
N GLY C 224 -37.76 -30.31 -22.65
CA GLY C 224 -38.09 -29.90 -21.30
C GLY C 224 -38.94 -28.65 -21.31
N VAL C 225 -39.01 -28.01 -20.15
CA VAL C 225 -39.78 -26.78 -19.96
C VAL C 225 -38.80 -25.65 -19.68
N TYR C 226 -38.88 -24.60 -20.49
CA TYR C 226 -37.98 -23.46 -20.37
C TYR C 226 -38.70 -22.32 -19.65
N TYR C 227 -38.04 -21.78 -18.64
CA TYR C 227 -38.62 -20.71 -17.82
C TYR C 227 -37.79 -19.44 -17.93
N CYS C 228 -38.47 -18.32 -18.05
CA CYS C 228 -37.85 -17.01 -18.03
C CYS C 228 -38.13 -16.35 -16.69
N MET C 229 -37.09 -15.81 -16.06
CA MET C 229 -37.20 -15.19 -14.76
C MET C 229 -36.59 -13.80 -14.80
N GLN C 230 -37.14 -12.90 -13.98
CA GLN C 230 -36.65 -11.54 -13.87
C GLN C 230 -35.97 -11.35 -12.52
N HIS C 231 -34.94 -10.50 -12.51
CA HIS C 231 -34.23 -10.18 -11.27
C HIS C 231 -34.12 -8.66 -11.10
N LEU C 232 -35.13 -7.93 -11.55
CA LEU C 232 -35.11 -6.46 -11.49
C LEU C 232 -35.57 -5.95 -10.13
N GLU C 233 -36.81 -6.24 -9.73
CA GLU C 233 -37.26 -6.04 -8.37
C GLU C 233 -37.59 -7.38 -7.73
N TYR C 234 -37.25 -7.49 -6.46
CA TYR C 234 -37.00 -8.78 -5.81
C TYR C 234 -38.21 -9.71 -5.72
N PRO C 235 -39.46 -9.25 -5.81
CA PRO C 235 -40.55 -10.23 -5.93
C PRO C 235 -40.45 -10.99 -7.25
N LEU C 236 -39.46 -11.88 -7.32
CA LEU C 236 -39.09 -12.55 -8.56
C LEU C 236 -40.24 -13.38 -9.11
N THR C 237 -40.48 -13.24 -10.41
CA THR C 237 -41.57 -13.91 -11.10
C THR C 237 -41.02 -14.73 -12.25
N PHE C 238 -41.59 -15.91 -12.44
CA PHE C 238 -41.19 -16.84 -13.49
C PHE C 238 -42.21 -16.81 -14.62
N GLY C 239 -41.86 -17.46 -15.72
CA GLY C 239 -42.77 -17.62 -16.83
C GLY C 239 -43.60 -18.88 -16.69
N ALA C 240 -44.61 -18.99 -17.55
CA ALA C 240 -45.46 -20.18 -17.53
C ALA C 240 -44.73 -21.44 -17.97
N GLY C 241 -43.64 -21.29 -18.70
CA GLY C 241 -42.92 -22.42 -19.25
C GLY C 241 -43.33 -22.72 -20.67
N THR C 242 -42.35 -23.10 -21.49
CA THR C 242 -42.59 -23.34 -22.90
C THR C 242 -42.89 -24.79 -23.23
N LYS C 243 -42.36 -25.73 -22.44
CA LYS C 243 -42.66 -27.16 -22.58
C LYS C 243 -42.31 -27.65 -24.00
N LEU C 244 -41.00 -27.62 -24.27
CA LEU C 244 -40.50 -28.11 -25.54
C LEU C 244 -40.84 -29.59 -25.70
N GLU C 245 -41.37 -29.94 -26.86
CA GLU C 245 -41.91 -31.27 -27.13
C GLU C 245 -41.16 -31.92 -28.28
N LEU C 246 -41.62 -33.11 -28.66
CA LEU C 246 -41.04 -33.86 -29.76
C LEU C 246 -42.04 -34.00 -30.91
N ALA D 1 -18.80 44.19 17.66
CA ALA D 1 -17.61 44.34 18.47
C ALA D 1 -16.84 43.02 18.54
N LEU D 2 -16.15 42.79 19.66
CA LEU D 2 -15.43 41.53 19.85
C LEU D 2 -16.39 40.36 20.01
N LEU D 3 -17.67 40.63 20.30
CA LEU D 3 -18.66 39.56 20.41
C LEU D 3 -18.80 38.82 19.08
N ALA D 4 -19.04 39.57 18.00
CA ALA D 4 -19.18 38.95 16.69
C ALA D 4 -17.88 38.26 16.28
N LEU D 5 -16.74 38.87 16.59
CA LEU D 5 -15.46 38.25 16.27
C LEU D 5 -15.33 36.90 16.96
N ALA D 6 -15.68 36.83 18.24
CA ALA D 6 -15.59 35.57 18.97
C ALA D 6 -16.56 34.55 18.40
N VAL D 7 -17.79 34.98 18.07
CA VAL D 7 -18.78 34.04 17.55
C VAL D 7 -18.32 33.44 16.23
N LEU D 8 -17.87 34.29 15.30
CA LEU D 8 -17.39 33.79 14.01
C LEU D 8 -16.14 32.93 14.19
N ALA D 9 -15.21 33.33 15.06
CA ALA D 9 -14.02 32.53 15.30
C ALA D 9 -14.38 31.14 15.79
N THR D 10 -15.23 31.07 16.82
CA THR D 10 -15.61 29.78 17.38
C THR D 10 -16.31 28.91 16.34
N VAL D 11 -17.35 29.45 15.69
CA VAL D 11 -18.13 28.66 14.75
C VAL D 11 -17.25 28.18 13.60
N GLY D 12 -16.50 29.10 13.00
CA GLY D 12 -15.67 28.72 11.86
C GLY D 12 -14.60 27.71 12.22
N GLY D 13 -13.88 27.95 13.32
CA GLY D 13 -12.82 27.02 13.70
C GLY D 13 -13.35 25.64 14.01
N ASN D 14 -14.43 25.55 14.79
CA ASN D 14 -14.93 24.23 15.19
C ASN D 14 -15.57 23.51 14.01
N LEU D 15 -16.32 24.22 13.17
CA LEU D 15 -16.90 23.61 11.99
C LEU D 15 -15.80 23.12 11.03
N LEU D 16 -14.75 23.91 10.87
CA LEU D 16 -13.64 23.51 10.02
C LEU D 16 -12.95 22.27 10.58
N VAL D 17 -12.76 22.21 11.89
CA VAL D 17 -12.14 21.04 12.51
C VAL D 17 -12.98 19.80 12.26
N ILE D 18 -14.29 19.91 12.48
CA ILE D 18 -15.19 18.76 12.27
C ILE D 18 -15.15 18.31 10.82
N VAL D 19 -15.23 19.25 9.87
CA VAL D 19 -15.25 18.89 8.47
C VAL D 19 -13.93 18.26 8.05
N ALA D 20 -12.81 18.81 8.53
CA ALA D 20 -11.50 18.26 8.19
C ALA D 20 -11.35 16.84 8.72
N ILE D 21 -11.83 16.57 9.94
CA ILE D 21 -11.76 15.22 10.46
C ILE D 21 -12.67 14.29 9.66
N ALA D 22 -13.85 14.78 9.28
CA ALA D 22 -14.82 13.93 8.60
C ALA D 22 -14.38 13.55 7.19
N TRP D 23 -13.84 14.49 6.43
CA TRP D 23 -13.53 14.25 5.03
C TRP D 23 -12.10 13.77 4.78
N THR D 24 -11.27 13.68 5.81
CA THR D 24 -9.89 13.21 5.65
C THR D 24 -9.71 11.87 6.34
N PRO D 25 -9.52 10.78 5.60
CA PRO D 25 -9.27 9.48 6.26
C PRO D 25 -8.03 9.47 7.12
N ARG D 26 -7.01 10.25 6.77
CA ARG D 26 -5.77 10.27 7.54
C ARG D 26 -6.01 10.80 8.95
N LEU D 27 -6.90 11.80 9.09
CA LEU D 27 -7.19 12.39 10.39
C LEU D 27 -8.17 11.57 11.22
N GLN D 28 -8.71 10.49 10.68
CA GLN D 28 -9.72 9.70 11.38
C GLN D 28 -9.07 8.69 12.32
N THR D 29 -8.40 9.22 13.33
CA THR D 29 -7.72 8.42 14.33
C THR D 29 -8.61 8.24 15.56
N MET D 30 -8.09 7.51 16.55
CA MET D 30 -8.86 7.26 17.76
C MET D 30 -8.89 8.51 18.65
N THR D 31 -7.78 9.25 18.68
CA THR D 31 -7.73 10.48 19.46
C THR D 31 -8.68 11.53 18.91
N ASN D 32 -8.82 11.59 17.59
CA ASN D 32 -9.70 12.58 16.97
C ASN D 32 -11.17 12.29 17.17
N VAL D 33 -11.52 11.12 17.71
CA VAL D 33 -12.90 10.86 18.10
C VAL D 33 -13.31 11.80 19.23
N PHE D 34 -12.41 12.01 20.20
CA PHE D 34 -12.67 12.96 21.27
C PHE D 34 -12.56 14.41 20.79
N VAL D 35 -11.67 14.68 19.83
CA VAL D 35 -11.57 16.02 19.26
C VAL D 35 -12.87 16.37 18.55
N THR D 36 -13.50 15.39 17.91
CA THR D 36 -14.80 15.64 17.29
C THR D 36 -15.85 16.03 18.32
N SER D 37 -15.86 15.35 19.47
CA SER D 37 -16.82 15.69 20.52
C SER D 37 -16.55 17.09 21.06
N LEU D 38 -15.28 17.43 21.28
CA LEU D 38 -14.93 18.76 21.77
C LEU D 38 -15.35 19.83 20.77
N ALA D 39 -15.09 19.60 19.48
CA ALA D 39 -15.48 20.56 18.46
C ALA D 39 -16.99 20.69 18.36
N ALA D 40 -17.72 19.59 18.50
CA ALA D 40 -19.18 19.66 18.46
C ALA D 40 -19.72 20.47 19.65
N ALA D 41 -19.17 20.23 20.84
CA ALA D 41 -19.61 20.99 22.01
C ALA D 41 -19.30 22.48 21.83
N ASP D 42 -18.10 22.79 21.34
CA ASP D 42 -17.73 24.19 21.14
C ASP D 42 -18.56 24.85 20.05
N LEU D 43 -18.89 24.12 18.99
CA LEU D 43 -19.75 24.66 17.94
C LEU D 43 -21.15 24.96 18.47
N VAL D 44 -21.71 24.03 19.24
CA VAL D 44 -23.04 24.27 19.81
C VAL D 44 -23.00 25.43 20.79
N MET D 45 -21.92 25.67 21.50
CA MET D 45 -21.81 26.88 22.37
C MET D 45 -21.79 28.10 21.49
N GLY D 46 -20.96 28.04 20.48
CA GLY D 46 -20.84 29.24 19.67
C GLY D 46 -22.08 29.59 18.87
N LEU D 47 -22.96 28.62 18.63
CA LEU D 47 -24.18 28.86 17.87
C LEU D 47 -25.39 29.18 18.73
N LEU D 48 -25.60 28.46 19.82
CA LEU D 48 -26.84 28.54 20.59
C LEU D 48 -26.67 29.12 21.99
N VAL D 49 -25.48 29.57 22.37
CA VAL D 49 -25.27 30.02 23.74
C VAL D 49 -24.77 31.45 23.77
N VAL D 50 -23.68 31.73 23.05
CA VAL D 50 -23.06 33.06 23.11
C VAL D 50 -23.99 34.15 22.56
N PRO D 51 -24.61 34.00 21.39
CA PRO D 51 -25.46 35.08 20.87
C PRO D 51 -26.66 35.35 21.75
N PRO D 52 -27.31 34.33 22.35
CA PRO D 52 -28.31 34.64 23.38
C PRO D 52 -27.77 35.49 24.51
N ALA D 53 -26.56 35.22 24.97
CA ALA D 53 -25.98 36.02 26.04
C ALA D 53 -25.74 37.45 25.59
N ALA D 54 -25.28 37.63 24.35
CA ALA D 54 -25.09 38.98 23.82
C ALA D 54 -26.41 39.72 23.70
N THR D 55 -27.44 39.05 23.21
CA THR D 55 -28.76 39.68 23.10
C THR D 55 -29.29 40.07 24.47
N LEU D 56 -29.14 39.19 25.47
CA LEU D 56 -29.55 39.51 26.82
C LEU D 56 -28.76 40.66 27.42
N ALA D 57 -27.46 40.75 27.12
CA ALA D 57 -26.67 41.86 27.63
C ALA D 57 -27.08 43.17 26.98
N LEU D 58 -27.36 43.15 25.69
CA LEU D 58 -27.74 44.38 24.99
C LEU D 58 -29.13 44.85 25.39
N THR D 59 -30.08 43.92 25.51
CA THR D 59 -31.46 44.27 25.82
C THR D 59 -31.79 44.26 27.30
N GLY D 60 -30.99 43.57 28.12
CA GLY D 60 -31.29 43.44 29.53
C GLY D 60 -32.29 42.36 29.87
N HIS D 61 -32.74 41.59 28.89
CA HIS D 61 -33.72 40.54 29.12
C HIS D 61 -33.72 39.58 27.94
N TRP D 62 -33.82 38.29 28.23
CA TRP D 62 -33.91 37.28 27.19
C TRP D 62 -35.26 37.38 26.49
N PRO D 63 -35.31 37.49 25.16
CA PRO D 63 -36.60 37.68 24.49
C PRO D 63 -37.42 36.40 24.36
N LEU D 64 -36.83 35.23 24.61
CA LEU D 64 -37.52 33.97 24.36
C LEU D 64 -38.71 33.78 25.30
N GLY D 65 -38.48 33.92 26.60
CA GLY D 65 -39.54 33.79 27.58
C GLY D 65 -39.15 32.83 28.68
N ALA D 66 -40.16 32.36 29.42
CA ALA D 66 -39.92 31.50 30.57
C ALA D 66 -39.29 30.18 30.15
N THR D 67 -39.80 29.56 29.09
CA THR D 67 -39.18 28.34 28.58
C THR D 67 -37.82 28.64 27.96
N GLY D 68 -37.68 29.82 27.35
CA GLY D 68 -36.43 30.16 26.69
C GLY D 68 -35.27 30.26 27.66
N CYS D 69 -35.52 30.90 28.81
CA CYS D 69 -34.45 31.05 29.84
C CYS D 69 -34.00 29.66 30.29
N GLU D 70 -34.96 28.79 30.65
CA GLU D 70 -34.61 27.45 31.12
C GLU D 70 -33.83 26.69 30.06
N LEU D 71 -34.29 26.75 28.81
CA LEU D 71 -33.60 26.04 27.73
C LEU D 71 -32.19 26.58 27.53
N TRP D 72 -32.02 27.90 27.57
CA TRP D 72 -30.70 28.50 27.42
C TRP D 72 -29.76 28.07 28.53
N THR D 73 -30.22 28.15 29.78
CA THR D 73 -29.37 27.77 30.89
C THR D 73 -28.98 26.30 30.82
N SER D 74 -29.94 25.43 30.50
CA SER D 74 -29.64 24.01 30.41
C SER D 74 -28.68 23.72 29.27
N VAL D 75 -28.83 24.38 28.13
CA VAL D 75 -27.94 24.16 27.00
C VAL D 75 -26.53 24.63 27.33
N ASP D 76 -26.40 25.76 28.02
CA ASP D 76 -25.10 26.31 28.48
C ASP D 76 -24.42 25.36 29.43
N VAL D 77 -25.14 24.82 30.38
CA VAL D 77 -24.57 23.89 31.36
C VAL D 77 -24.14 22.61 30.66
N LEU D 78 -24.99 22.09 29.78
CA LEU D 78 -24.68 20.87 29.06
C LEU D 78 -23.43 21.02 28.19
N CYS D 79 -23.34 22.13 27.46
CA CYS D 79 -22.19 22.35 26.59
C CYS D 79 -20.90 22.50 27.38
N VAL D 80 -20.94 23.26 28.48
CA VAL D 80 -19.75 23.45 29.29
C VAL D 80 -19.29 22.13 29.89
N THR D 81 -20.23 21.36 30.44
CA THR D 81 -19.88 20.07 31.03
C THR D 81 -19.30 19.12 30.00
N ALA D 82 -19.91 19.08 28.81
CA ALA D 82 -19.42 18.22 27.74
C ALA D 82 -18.02 18.61 27.31
N SER D 83 -17.77 19.92 27.19
CA SER D 83 -16.45 20.39 26.78
C SER D 83 -15.39 20.03 27.80
N ILE D 84 -15.68 20.24 29.09
CA ILE D 84 -14.68 19.96 30.11
C ILE D 84 -14.42 18.46 30.22
N TRP D 85 -15.47 17.65 30.17
CA TRP D 85 -15.28 16.21 30.27
C TRP D 85 -14.60 15.65 29.02
N THR D 86 -14.81 16.26 27.86
CA THR D 86 -14.08 15.85 26.67
C THR D 86 -12.60 16.21 26.78
N LEU D 87 -12.29 17.37 27.38
CA LEU D 87 -10.90 17.70 27.66
C LEU D 87 -10.27 16.65 28.57
N CYS D 88 -11.01 16.23 29.59
CA CYS D 88 -10.50 15.20 30.49
C CYS D 88 -10.26 13.88 29.75
N ALA D 89 -11.18 13.52 28.86
CA ALA D 89 -11.01 12.29 28.07
C ALA D 89 -9.81 12.38 27.15
N LEU D 90 -9.57 13.55 26.57
CA LEU D 90 -8.38 13.75 25.74
C LEU D 90 -7.11 13.59 26.58
N ALA D 91 -7.11 14.13 27.80
CA ALA D 91 -5.97 13.96 28.69
C ALA D 91 -5.74 12.48 29.02
N VAL D 92 -6.81 11.75 29.31
CA VAL D 92 -6.67 10.34 29.65
C VAL D 92 -6.16 9.54 28.46
N ASP D 93 -6.63 9.88 27.26
CA ASP D 93 -6.17 9.20 26.07
C ASP D 93 -4.68 9.45 25.83
N ARG D 94 -4.23 10.70 26.01
CA ARG D 94 -2.81 11.00 25.91
C ARG D 94 -2.01 10.23 26.95
N TYR D 95 -2.53 10.14 28.18
CA TYR D 95 -1.86 9.40 29.24
C TYR D 95 -1.69 7.94 28.88
N LEU D 96 -2.75 7.32 28.36
CA LEU D 96 -2.67 5.91 27.99
C LEU D 96 -1.73 5.70 26.82
N ALA D 97 -1.72 6.64 25.87
CA ALA D 97 -0.79 6.53 24.75
C ALA D 97 0.65 6.62 25.21
N VAL D 98 0.94 7.47 26.19
CA VAL D 98 2.33 7.67 26.60
C VAL D 98 2.80 6.56 27.53
N THR D 99 2.01 6.22 28.55
CA THR D 99 2.45 5.29 29.57
C THR D 99 2.22 3.82 29.23
N ASN D 100 1.39 3.53 28.22
CA ASN D 100 1.19 2.17 27.74
C ASN D 100 1.33 2.14 26.22
N PRO D 101 2.54 2.43 25.72
CA PRO D 101 2.70 2.50 24.25
C PRO D 101 2.39 1.20 23.53
N LEU D 102 2.77 0.06 24.10
CA LEU D 102 2.61 -1.21 23.40
C LEU D 102 1.18 -1.71 23.40
N ARG D 103 0.44 -1.47 24.49
CA ARG D 103 -0.92 -1.96 24.64
C ARG D 103 -1.96 -0.90 24.34
N TYR D 104 -1.55 0.25 23.81
CA TYR D 104 -2.49 1.36 23.61
C TYR D 104 -3.59 0.99 22.61
N GLY D 105 -3.24 0.28 21.55
CA GLY D 105 -4.23 -0.05 20.53
C GLY D 105 -5.35 -0.92 21.06
N ALA D 106 -5.02 -1.87 21.95
CA ALA D 106 -6.04 -2.74 22.52
C ALA D 106 -6.85 -2.02 23.60
N LEU D 107 -6.20 -1.14 24.36
CA LEU D 107 -6.89 -0.46 25.46
C LEU D 107 -7.95 0.50 24.94
N VAL D 108 -7.59 1.36 24.00
CA VAL D 108 -8.48 2.39 23.48
C VAL D 108 -8.84 1.99 22.05
N THR D 109 -10.02 1.38 21.90
CA THR D 109 -10.52 0.92 20.62
C THR D 109 -11.63 1.83 20.12
N LYS D 110 -12.19 1.49 18.97
CA LYS D 110 -13.26 2.29 18.40
C LYS D 110 -14.48 2.28 19.31
N ARG D 111 -14.96 1.09 19.68
CA ARG D 111 -16.16 0.99 20.50
C ARG D 111 -15.97 1.68 21.84
N CYS D 112 -14.79 1.54 22.43
CA CYS D 112 -14.51 2.23 23.69
C CYS D 112 -14.61 3.74 23.53
N ALA D 113 -14.09 4.27 22.42
CA ALA D 113 -14.14 5.72 22.19
C ALA D 113 -15.57 6.20 22.01
N ARG D 114 -16.37 5.50 21.21
CA ARG D 114 -17.76 5.91 21.03
C ARG D 114 -18.53 5.82 22.34
N THR D 115 -18.30 4.75 23.11
CA THR D 115 -18.98 4.60 24.39
C THR D 115 -18.59 5.72 25.34
N ALA D 116 -17.30 6.09 25.38
CA ALA D 116 -16.86 7.16 26.25
C ALA D 116 -17.49 8.49 25.86
N VAL D 117 -17.55 8.78 24.56
CA VAL D 117 -18.15 10.04 24.11
C VAL D 117 -19.63 10.08 24.46
N VAL D 118 -20.34 8.97 24.21
CA VAL D 118 -21.76 8.92 24.52
C VAL D 118 -22.00 9.07 26.02
N LEU D 119 -21.14 8.43 26.83
CA LEU D 119 -21.27 8.54 28.28
C LEU D 119 -21.01 9.96 28.75
N VAL D 120 -20.02 10.63 28.15
CA VAL D 120 -19.75 12.03 28.50
C VAL D 120 -20.96 12.90 28.23
N TRP D 121 -21.55 12.75 27.03
CA TRP D 121 -22.69 13.58 26.66
C TRP D 121 -23.92 13.25 27.50
N VAL D 122 -24.11 11.98 27.85
CA VAL D 122 -25.23 11.60 28.69
C VAL D 122 -25.08 12.17 30.10
N VAL D 123 -23.87 12.11 30.66
CA VAL D 123 -23.64 12.65 31.99
C VAL D 123 -23.86 14.17 31.99
N SER D 124 -23.38 14.86 30.96
CA SER D 124 -23.61 16.30 30.89
C SER D 124 -25.09 16.62 30.75
N ALA D 125 -25.82 15.83 29.95
CA ALA D 125 -27.26 16.04 29.82
C ALA D 125 -27.96 15.86 31.16
N ALA D 126 -27.58 14.83 31.91
CA ALA D 126 -28.19 14.60 33.22
C ALA D 126 -27.89 15.77 34.15
N VAL D 127 -26.64 16.22 34.18
CA VAL D 127 -26.26 17.31 35.07
C VAL D 127 -27.05 18.57 34.73
N SER D 128 -27.20 18.86 33.44
CA SER D 128 -27.86 20.10 33.03
C SER D 128 -29.37 20.03 33.24
N PHE D 129 -29.98 18.86 33.03
CA PHE D 129 -31.43 18.76 33.09
C PHE D 129 -31.95 18.25 34.42
N ALA D 130 -31.09 17.99 35.41
CA ALA D 130 -31.57 17.52 36.70
C ALA D 130 -32.59 18.46 37.34
N PRO D 131 -32.39 19.78 37.42
CA PRO D 131 -33.41 20.63 38.06
C PRO D 131 -34.78 20.56 37.40
N ILE D 132 -34.84 20.45 36.07
CA ILE D 132 -36.12 20.45 35.37
C ILE D 132 -36.72 19.05 35.25
N MET D 133 -35.91 18.00 35.37
CA MET D 133 -36.38 16.63 35.29
C MET D 133 -36.86 16.14 36.65
N SER D 134 -36.17 16.51 37.73
CA SER D 134 -36.56 16.06 39.06
C SER D 134 -36.72 17.26 40.00
N MET D 161 -28.27 25.90 46.33
CA MET D 161 -26.97 25.83 47.07
C MET D 161 -26.42 24.42 47.05
N PRO D 162 -27.14 23.36 47.38
CA PRO D 162 -26.54 22.03 47.15
C PRO D 162 -26.32 21.71 45.69
N TYR D 163 -27.24 22.12 44.82
CA TYR D 163 -27.10 21.81 43.41
C TYR D 163 -25.89 22.51 42.81
N VAL D 164 -25.66 23.77 43.19
CA VAL D 164 -24.54 24.51 42.63
C VAL D 164 -23.23 23.82 42.99
N LEU D 165 -23.06 23.48 44.27
CA LEU D 165 -21.85 22.80 44.71
C LEU D 165 -21.66 21.46 44.00
N LEU D 166 -22.72 20.64 43.96
CA LEU D 166 -22.58 19.31 43.40
C LEU D 166 -22.31 19.37 41.89
N SER D 167 -23.05 20.22 41.18
CA SER D 167 -22.88 20.34 39.74
C SER D 167 -21.50 20.90 39.40
N SER D 168 -21.05 21.92 40.14
CA SER D 168 -19.72 22.45 39.88
C SER D 168 -18.63 21.43 40.20
N SER D 169 -18.78 20.65 41.27
CA SER D 169 -17.80 19.63 41.59
C SER D 169 -17.75 18.53 40.56
N VAL D 170 -18.90 18.15 39.98
CA VAL D 170 -18.90 17.09 38.98
C VAL D 170 -18.55 17.61 37.59
N SER D 171 -18.69 18.91 37.33
CA SER D 171 -18.43 19.49 36.02
C SER D 171 -17.01 20.02 35.86
N PHE D 172 -16.42 20.56 36.93
CA PHE D 172 -15.11 21.19 36.84
C PHE D 172 -14.04 20.51 37.68
N TYR D 173 -14.31 20.30 38.98
CA TYR D 173 -13.24 20.01 39.91
C TYR D 173 -12.68 18.60 39.73
N LEU D 174 -13.55 17.61 39.57
CA LEU D 174 -13.09 16.25 39.31
C LEU D 174 -12.33 16.13 38.00
N PRO D 175 -12.82 16.67 36.86
CA PRO D 175 -11.99 16.68 35.64
C PRO D 175 -10.67 17.39 35.86
N LEU D 176 -10.66 18.48 36.64
CA LEU D 176 -9.44 19.20 36.92
C LEU D 176 -8.42 18.32 37.63
N LEU D 177 -8.87 17.59 38.67
CA LEU D 177 -7.97 16.71 39.40
C LEU D 177 -7.44 15.59 38.51
N VAL D 178 -8.32 15.01 37.70
CA VAL D 178 -7.89 13.91 36.83
C VAL D 178 -6.87 14.40 35.82
N MET D 179 -7.13 15.55 35.20
CA MET D 179 -6.17 16.12 34.26
C MET D 179 -4.85 16.46 34.93
N LEU D 180 -4.89 17.01 36.14
CA LEU D 180 -3.66 17.34 36.85
C LEU D 180 -2.82 16.09 37.10
N PHE D 181 -3.44 15.02 37.59
CA PHE D 181 -2.70 13.79 37.85
C PHE D 181 -2.13 13.21 36.57
N VAL D 182 -2.98 13.09 35.54
CA VAL D 182 -2.57 12.52 34.27
C VAL D 182 -1.40 13.29 33.67
N TYR D 183 -1.50 14.62 33.64
CA TYR D 183 -0.48 15.43 33.02
C TYR D 183 0.78 15.56 33.86
N ALA D 184 0.69 15.42 35.18
CA ALA D 184 1.92 15.29 35.97
C ALA D 184 2.66 14.01 35.63
N ARG D 185 1.94 12.89 35.50
CA ARG D 185 2.60 11.65 35.08
C ARG D 185 3.25 11.82 33.70
N VAL D 186 2.51 12.40 32.75
CA VAL D 186 3.03 12.59 31.41
C VAL D 186 4.26 13.50 31.42
N PHE D 187 4.22 14.57 32.21
CA PHE D 187 5.34 15.49 32.30
C PHE D 187 6.58 14.79 32.85
N VAL D 188 6.42 13.98 33.89
CA VAL D 188 7.56 13.26 34.45
C VAL D 188 8.18 12.34 33.40
N VAL D 189 7.33 11.59 32.69
CA VAL D 189 7.83 10.66 31.68
C VAL D 189 8.56 11.43 30.57
N ALA D 190 7.97 12.53 30.11
CA ALA D 190 8.55 13.29 29.00
C ALA D 190 9.89 13.91 29.39
N THR D 191 9.98 14.47 30.60
CA THR D 191 11.24 15.05 31.04
C THR D 191 12.33 13.99 31.18
N ARG D 192 11.97 12.82 31.73
CA ARG D 192 12.95 11.75 31.84
C ARG D 192 13.46 11.32 30.48
N GLN D 193 12.56 11.16 29.51
CA GLN D 193 12.98 10.74 28.17
C GLN D 193 13.83 11.81 27.50
N LEU D 194 13.47 13.08 27.69
CA LEU D 194 14.26 14.15 27.10
C LEU D 194 15.68 14.17 27.67
N ARG D 195 15.81 14.00 29.00
CA ARG D 195 17.13 13.99 29.59
C ARG D 195 17.94 12.78 29.11
N LEU D 196 17.28 11.63 28.97
CA LEU D 196 17.98 10.45 28.44
C LEU D 196 18.48 10.69 27.02
N LEU D 197 17.64 11.27 26.17
CA LEU D 197 18.06 11.54 24.80
C LEU D 197 19.18 12.56 24.74
N ARG D 198 19.10 13.60 25.59
CA ARG D 198 20.16 14.60 25.65
C ARG D 198 21.48 13.97 26.08
N GLY D 199 21.43 13.06 27.06
CA GLY D 199 22.64 12.37 27.45
C GLY D 199 23.18 11.46 26.36
N GLU D 200 22.28 10.84 25.59
CA GLU D 200 22.72 9.98 24.50
C GLU D 200 23.43 10.78 23.40
N LEU D 201 22.84 11.90 22.99
CA LEU D 201 23.40 12.65 21.87
C LEU D 201 24.64 13.46 22.27
N GLY D 202 24.91 13.61 23.55
CA GLY D 202 26.05 14.40 23.99
C GLY D 202 27.28 13.57 24.29
N ARG D 203 27.30 12.33 23.81
CA ARG D 203 28.42 11.43 24.09
C ARG D 203 29.61 11.67 23.18
N PHE D 204 29.43 12.37 22.07
CA PHE D 204 30.51 12.61 21.12
C PHE D 204 30.51 14.05 20.63
N ARG D 248 8.87 20.32 22.90
CA ARG D 248 9.04 20.81 24.26
C ARG D 248 7.83 20.45 25.13
N ALA D 249 8.05 19.55 26.09
CA ALA D 249 6.96 19.10 26.94
C ALA D 249 6.41 20.22 27.80
N LEU D 250 7.30 21.07 28.34
CA LEU D 250 6.85 22.12 29.25
C LEU D 250 5.92 23.09 28.55
N CYS D 251 6.29 23.55 27.36
CA CYS D 251 5.46 24.50 26.64
C CYS D 251 4.10 23.91 26.31
N THR D 252 4.09 22.69 25.77
CA THR D 252 2.82 22.06 25.37
C THR D 252 1.91 21.85 26.57
N LEU D 253 2.42 21.21 27.62
CA LEU D 253 1.58 20.93 28.78
C LEU D 253 1.14 22.21 29.48
N GLY D 254 2.06 23.18 29.58
CA GLY D 254 1.69 24.45 30.21
C GLY D 254 0.60 25.17 29.45
N LEU D 255 0.69 25.18 28.11
CA LEU D 255 -0.37 25.80 27.33
C LEU D 255 -1.69 25.06 27.53
N ILE D 256 -1.67 23.72 27.42
CA ILE D 256 -2.89 22.94 27.51
C ILE D 256 -3.58 23.15 28.85
N MET D 257 -2.82 23.08 29.94
CA MET D 257 -3.45 23.21 31.25
C MET D 257 -3.76 24.67 31.60
N GLY D 258 -2.87 25.59 31.23
CA GLY D 258 -3.06 26.98 31.60
C GLY D 258 -4.25 27.62 30.90
N THR D 259 -4.46 27.33 29.62
CA THR D 259 -5.61 27.91 28.94
C THR D 259 -6.91 27.50 29.63
N PHE D 260 -7.07 26.20 29.87
CA PHE D 260 -8.27 25.69 30.51
C PHE D 260 -8.44 26.24 31.92
N THR D 261 -7.36 26.25 32.71
CA THR D 261 -7.44 26.70 34.09
C THR D 261 -7.76 28.19 34.15
N LEU D 262 -7.09 29.00 33.34
CA LEU D 262 -7.35 30.43 33.34
C LEU D 262 -8.75 30.74 32.86
N CYS D 263 -9.24 29.99 31.87
CA CYS D 263 -10.56 30.27 31.32
C CYS D 263 -11.67 29.92 32.31
N TRP D 264 -11.61 28.72 32.91
CA TRP D 264 -12.76 28.25 33.67
C TRP D 264 -12.60 28.27 35.18
N LEU D 265 -11.38 28.32 35.70
CA LEU D 265 -11.18 28.28 37.14
C LEU D 265 -11.81 29.47 37.88
N PRO D 266 -11.61 30.72 37.44
CA PRO D 266 -12.24 31.83 38.16
C PRO D 266 -13.75 31.75 38.23
N PHE D 267 -14.40 31.31 37.16
CA PHE D 267 -15.86 31.23 37.18
C PHE D 267 -16.36 30.23 38.19
N PHE D 268 -15.76 29.03 38.24
CA PHE D 268 -16.23 28.02 39.17
C PHE D 268 -15.82 28.33 40.60
N LEU D 269 -14.68 29.00 40.77
CA LEU D 269 -14.32 29.52 42.08
C LEU D 269 -15.38 30.48 42.60
N ALA D 270 -15.76 31.46 41.77
CA ALA D 270 -16.81 32.40 42.17
C ALA D 270 -18.15 31.72 42.34
N ASN D 271 -18.45 30.69 41.53
CA ASN D 271 -19.70 29.96 41.66
C ASN D 271 -19.80 29.28 43.01
N VAL D 272 -18.78 28.49 43.36
CA VAL D 272 -18.77 27.81 44.68
C VAL D 272 -18.98 28.89 45.75
N LEU D 273 -18.34 30.04 45.59
CA LEU D 273 -18.47 31.16 46.57
C LEU D 273 -19.95 31.56 46.68
N ARG D 274 -20.66 31.60 45.56
CA ARG D 274 -22.07 32.07 45.56
C ARG D 274 -22.90 31.14 46.46
N ALA D 275 -22.72 29.82 46.32
CA ALA D 275 -23.46 28.85 47.18
C ALA D 275 -22.92 28.93 48.61
N LEU D 276 -21.76 28.33 48.87
CA LEU D 276 -21.13 28.39 50.22
C LEU D 276 -20.87 29.86 50.56
N GLY D 277 -21.75 30.46 51.38
CA GLY D 277 -21.60 31.89 51.72
C GLY D 277 -22.48 32.75 50.85
N GLY D 278 -22.83 33.96 51.33
CA GLY D 278 -23.74 34.85 50.56
C GLY D 278 -23.17 35.19 49.20
N PRO D 279 -23.98 35.19 48.11
CA PRO D 279 -23.50 35.59 46.79
C PRO D 279 -22.90 37.00 46.85
N SER D 280 -23.48 37.87 47.67
CA SER D 280 -22.96 39.25 47.77
C SER D 280 -21.44 39.18 47.70
N LEU D 281 -20.84 38.13 48.27
CA LEU D 281 -19.36 38.07 48.34
C LEU D 281 -18.77 38.52 46.99
N VAL D 282 -19.46 38.28 45.87
CA VAL D 282 -18.97 38.67 44.52
C VAL D 282 -20.16 39.26 43.77
N PRO D 283 -20.15 40.53 43.30
CA PRO D 283 -21.37 41.10 42.71
C PRO D 283 -21.76 40.47 41.38
N GLY D 284 -22.87 40.92 40.84
CA GLY D 284 -23.43 40.38 39.62
C GLY D 284 -22.58 40.57 38.37
N PRO D 285 -22.17 41.81 38.06
CA PRO D 285 -21.39 42.05 36.83
C PRO D 285 -20.09 41.26 36.77
N ALA D 286 -19.42 41.09 37.92
CA ALA D 286 -18.20 40.29 37.95
C ALA D 286 -18.48 38.84 37.58
N PHE D 287 -19.59 38.30 38.10
CA PHE D 287 -19.96 36.92 37.79
C PHE D 287 -20.17 36.73 36.30
N LEU D 288 -20.90 37.63 35.63
CA LEU D 288 -21.23 37.47 34.18
C LEU D 288 -19.95 37.64 33.37
N ALA D 289 -19.06 38.52 33.81
CA ALA D 289 -17.79 38.74 33.10
C ALA D 289 -16.94 37.48 33.19
N LEU D 290 -16.97 36.80 34.34
CA LEU D 290 -16.23 35.52 34.48
C LEU D 290 -16.83 34.50 33.51
N ASN D 291 -18.15 34.41 33.47
CA ASN D 291 -18.82 33.46 32.54
C ASN D 291 -18.34 33.74 31.10
N TRP D 292 -18.14 35.01 30.76
CA TRP D 292 -17.74 35.37 29.39
C TRP D 292 -16.28 35.02 29.22
N LEU D 293 -15.52 35.15 30.28
CA LEU D 293 -14.15 34.66 30.22
C LEU D 293 -14.11 33.15 30.03
N GLY D 294 -15.05 32.42 30.64
CA GLY D 294 -15.14 30.99 30.40
C GLY D 294 -15.53 30.65 28.97
N TYR D 295 -16.37 31.48 28.36
CA TYR D 295 -16.82 31.20 26.99
C TYR D 295 -15.68 31.24 25.99
N ALA D 296 -14.59 31.96 26.32
CA ALA D 296 -13.49 32.13 25.37
C ALA D 296 -12.74 30.82 25.14
N ASN D 297 -12.93 29.83 26.02
CA ASN D 297 -12.21 28.57 25.88
C ASN D 297 -12.60 27.82 24.61
N SER D 298 -13.82 28.02 24.13
CA SER D 298 -14.27 27.33 22.93
C SER D 298 -13.55 27.82 21.68
N ALA D 299 -13.19 29.10 21.62
CA ALA D 299 -12.48 29.63 20.46
C ALA D 299 -11.04 29.14 20.43
N PHE D 300 -10.43 28.94 21.59
CA PHE D 300 -9.02 28.57 21.67
C PHE D 300 -8.78 27.08 21.43
N ASN D 301 -9.79 26.24 21.65
CA ASN D 301 -9.59 24.79 21.57
C ASN D 301 -9.09 24.31 20.22
N PRO D 302 -9.60 24.78 19.07
CA PRO D 302 -9.02 24.34 17.79
C PRO D 302 -7.54 24.67 17.66
N LEU D 303 -7.10 25.81 18.21
CA LEU D 303 -5.69 26.14 18.17
C LEU D 303 -4.86 25.17 18.99
N ILE D 304 -5.37 24.78 20.17
CA ILE D 304 -4.59 23.94 21.06
C ILE D 304 -4.54 22.51 20.57
N TYR D 305 -5.66 21.95 20.15
CA TYR D 305 -5.76 20.53 19.88
C TYR D 305 -5.71 20.16 18.41
N CYS D 306 -5.44 21.11 17.50
CA CYS D 306 -5.40 20.80 16.09
C CYS D 306 -4.22 21.49 15.41
N ARG D 307 -3.06 21.49 16.06
CA ARG D 307 -1.84 22.04 15.50
C ARG D 307 -0.98 20.99 14.82
N SER D 308 -1.44 19.75 14.71
CA SER D 308 -0.66 18.71 14.08
C SER D 308 -0.46 19.03 12.60
N PRO D 309 0.66 18.60 12.02
CA PRO D 309 0.90 18.90 10.59
C PRO D 309 -0.18 18.36 9.66
N ASP D 310 -0.76 17.20 9.99
CA ASP D 310 -1.85 16.68 9.19
C ASP D 310 -3.07 17.59 9.26
N PHE D 311 -3.37 18.12 10.44
CA PHE D 311 -4.48 19.06 10.58
C PHE D 311 -4.24 20.31 9.74
N ARG D 312 -3.04 20.86 9.78
CA ARG D 312 -2.74 22.05 8.99
C ARG D 312 -2.81 21.76 7.50
N SER D 313 -2.34 20.58 7.08
CA SER D 313 -2.43 20.22 5.67
C SER D 313 -3.88 20.10 5.22
N ALA D 314 -4.73 19.47 6.05
CA ALA D 314 -6.14 19.36 5.71
C ALA D 314 -6.80 20.73 5.64
N PHE D 315 -6.45 21.62 6.57
CA PHE D 315 -6.97 22.98 6.53
C PHE D 315 -6.56 23.70 5.26
N ARG D 316 -5.30 23.54 4.87
CA ARG D 316 -4.83 24.18 3.65
C ARG D 316 -5.54 23.63 2.41
N ARG D 317 -5.77 22.33 2.38
CA ARG D 317 -6.48 21.74 1.24
C ARG D 317 -7.93 22.21 1.19
N LEU D 318 -8.61 22.28 2.33
CA LEU D 318 -10.04 22.57 2.33
C LEU D 318 -10.31 24.04 2.01
N LEU D 319 -9.54 24.95 2.60
CA LEU D 319 -9.78 26.37 2.36
C LEU D 319 -9.43 26.77 0.94
N CYS D 320 -8.35 26.23 0.39
CA CYS D 320 -7.92 26.54 -0.96
C CYS D 320 -8.74 25.82 -2.01
N ARG D 321 -9.60 24.89 -1.62
CA ARG D 321 -10.46 24.17 -2.57
C ARG D 321 -11.92 24.27 -2.17
N LEU E 1 -30.76 1.69 -8.09
CA LEU E 1 -29.97 0.52 -7.72
C LEU E 1 -30.81 -0.75 -7.80
N SER E 2 -30.46 -1.64 -8.73
CA SER E 2 -31.18 -2.90 -8.87
C SER E 2 -30.86 -3.81 -7.69
N ALA E 3 -31.62 -4.91 -7.59
CA ALA E 3 -31.44 -5.83 -6.47
C ALA E 3 -30.05 -6.44 -6.46
N GLU E 4 -29.54 -6.80 -7.63
CA GLU E 4 -28.18 -7.35 -7.71
C GLU E 4 -27.14 -6.32 -7.31
N ASP E 5 -27.36 -5.05 -7.63
CA ASP E 5 -26.45 -4.00 -7.18
C ASP E 5 -26.44 -3.89 -5.66
N LYS E 6 -27.61 -3.96 -5.03
CA LYS E 6 -27.67 -3.91 -3.57
C LYS E 6 -26.98 -5.12 -2.96
N ALA E 7 -27.15 -6.29 -3.57
CA ALA E 7 -26.48 -7.49 -3.06
C ALA E 7 -24.98 -7.38 -3.19
N ALA E 8 -24.48 -6.82 -4.30
CA ALA E 8 -23.06 -6.58 -4.46
C ALA E 8 -22.54 -5.61 -3.41
N VAL E 9 -23.32 -4.55 -3.13
CA VAL E 9 -22.94 -3.61 -2.08
C VAL E 9 -22.84 -4.31 -0.73
N GLU E 10 -23.80 -5.19 -0.44
CA GLU E 10 -23.78 -5.91 0.83
C GLU E 10 -22.56 -6.82 0.93
N ARG E 11 -22.21 -7.49 -0.18
CA ARG E 11 -21.00 -8.31 -0.19
C ARG E 11 -19.75 -7.46 0.04
N SER E 12 -19.71 -6.27 -0.57
CA SER E 12 -18.60 -5.36 -0.33
C SER E 12 -18.51 -4.96 1.13
N LYS E 13 -19.66 -4.71 1.77
CA LYS E 13 -19.67 -4.37 3.19
C LYS E 13 -19.16 -5.51 4.05
N MET E 14 -19.53 -6.75 3.69
CA MET E 14 -18.99 -7.91 4.41
C MET E 14 -17.47 -7.99 4.27
N ILE E 15 -16.97 -7.75 3.06
CA ILE E 15 -15.52 -7.74 2.84
C ILE E 15 -14.87 -6.66 3.70
N GLU E 16 -15.51 -5.49 3.79
CA GLU E 16 -14.96 -4.41 4.61
C GLU E 16 -14.94 -4.79 6.09
N LYS E 17 -15.96 -5.49 6.56
CA LYS E 17 -15.96 -5.98 7.94
C LYS E 17 -14.79 -6.92 8.20
N GLN E 18 -14.57 -7.85 7.26
CA GLN E 18 -13.42 -8.75 7.39
C GLN E 18 -12.12 -7.96 7.38
N LEU E 19 -12.04 -6.92 6.54
CA LEU E 19 -10.84 -6.10 6.48
C LEU E 19 -10.59 -5.39 7.80
N GLN E 20 -11.64 -4.90 8.47
CA GLN E 20 -11.46 -4.26 9.77
C GLN E 20 -10.98 -5.27 10.81
N LYS E 21 -11.55 -6.48 10.79
CA LYS E 21 -11.07 -7.52 11.70
C LYS E 21 -9.60 -7.82 11.47
N ASP E 22 -9.16 -7.81 10.21
CA ASP E 22 -7.74 -8.01 9.92
C ASP E 22 -6.91 -6.80 10.34
N LYS E 23 -7.47 -5.59 10.24
CA LYS E 23 -6.74 -4.39 10.61
C LYS E 23 -6.40 -4.40 12.09
N GLN E 24 -7.32 -4.88 12.92
CA GLN E 24 -7.05 -4.96 14.36
C GLN E 24 -5.78 -5.78 14.63
N VAL E 25 -5.72 -7.00 14.09
CA VAL E 25 -4.58 -7.88 14.36
C VAL E 25 -3.31 -7.35 13.68
N TYR E 26 -3.47 -6.69 12.53
CA TYR E 26 -2.31 -6.10 11.87
C TYR E 26 -1.69 -5.00 12.73
N ARG E 27 -2.52 -4.12 13.30
CA ARG E 27 -2.01 -3.06 14.16
C ARG E 27 -1.48 -3.60 15.47
N ALA E 28 -2.00 -4.73 15.95
CA ALA E 28 -1.54 -5.26 17.24
C ALA E 28 -0.20 -5.99 17.15
N THR E 29 0.37 -6.16 15.96
CA THR E 29 1.60 -6.93 15.77
C THR E 29 2.74 -6.01 15.38
N HIS E 30 3.91 -6.26 15.96
CA HIS E 30 5.11 -5.47 15.69
C HIS E 30 6.05 -6.28 14.81
N ARG E 31 6.50 -5.69 13.71
CA ARG E 31 7.36 -6.36 12.74
C ARG E 31 8.80 -5.89 12.90
N LEU E 32 9.72 -6.85 12.88
CA LEU E 32 11.15 -6.58 13.04
C LEU E 32 11.91 -7.19 11.87
N LEU E 33 12.93 -6.47 11.40
CA LEU E 33 13.80 -6.94 10.34
C LEU E 33 15.12 -7.38 10.95
N LEU E 34 15.53 -8.62 10.68
CA LEU E 34 16.77 -9.17 11.20
C LEU E 34 17.83 -9.08 10.12
N LEU E 35 18.91 -8.34 10.41
CA LEU E 35 20.00 -8.14 9.47
C LEU E 35 21.32 -8.53 10.13
N GLY E 36 22.24 -9.01 9.31
CA GLY E 36 23.55 -9.42 9.80
C GLY E 36 24.46 -9.91 8.69
N ALA E 37 25.27 -10.91 9.00
CA ALA E 37 26.18 -11.48 8.02
C ALA E 37 26.21 -13.00 8.21
N ASP E 38 27.05 -13.66 7.43
CA ASP E 38 27.16 -15.11 7.53
C ASP E 38 27.67 -15.53 8.90
N ASN E 39 28.68 -14.83 9.42
CA ASN E 39 29.31 -15.17 10.69
C ASN E 39 28.71 -14.41 11.87
N SER E 40 27.67 -13.60 11.64
CA SER E 40 27.12 -12.80 12.73
C SER E 40 26.48 -13.67 13.80
N GLY E 41 25.88 -14.79 13.41
CA GLY E 41 25.16 -15.63 14.35
C GLY E 41 23.74 -15.20 14.59
N LYS E 42 23.14 -14.44 13.68
CA LYS E 42 21.77 -13.98 13.86
C LYS E 42 20.75 -15.12 13.85
N SER E 43 21.12 -16.28 13.29
CA SER E 43 20.21 -17.42 13.27
C SER E 43 19.87 -17.86 14.69
N THR E 44 20.86 -17.88 15.58
CA THR E 44 20.60 -18.22 16.97
C THR E 44 19.67 -17.20 17.62
N ILE E 45 19.88 -15.91 17.34
CA ILE E 45 19.04 -14.87 17.89
C ILE E 45 17.65 -14.90 17.25
N GLY E 195 13.17 -17.88 0.79
CA GLY E 195 14.14 -18.19 1.83
C GLY E 195 14.05 -17.25 3.02
N ILE E 196 12.83 -16.85 3.37
CA ILE E 196 12.60 -15.95 4.49
C ILE E 196 12.39 -16.78 5.75
N PHE E 197 13.26 -16.58 6.74
CA PHE E 197 13.17 -17.30 8.00
C PHE E 197 12.35 -16.46 8.97
N GLU E 198 11.06 -16.76 9.06
CA GLU E 198 10.15 -16.02 9.92
C GLU E 198 10.02 -16.71 11.28
N THR E 199 9.85 -15.90 12.32
CA THR E 199 9.63 -16.41 13.66
C THR E 199 8.68 -15.47 14.40
N LYS E 200 7.98 -16.03 15.38
CA LYS E 200 7.00 -15.27 16.15
C LYS E 200 7.17 -15.58 17.63
N PHE E 201 7.10 -14.53 18.45
CA PHE E 201 7.15 -14.68 19.90
C PHE E 201 6.24 -13.64 20.52
N GLN E 202 5.85 -13.89 21.77
CA GLN E 202 4.75 -13.16 22.41
C GLN E 202 5.13 -12.75 23.82
N VAL E 203 6.31 -12.12 23.97
CA VAL E 203 6.75 -11.67 25.29
C VAL E 203 5.75 -10.66 25.84
N ASP E 204 5.23 -10.95 27.04
CA ASP E 204 4.32 -10.06 27.76
C ASP E 204 3.04 -9.78 26.99
N LYS E 205 2.50 -10.80 26.31
CA LYS E 205 1.24 -10.79 25.57
C LYS E 205 1.30 -9.90 24.32
N VAL E 206 2.43 -9.25 24.06
CA VAL E 206 2.59 -8.43 22.85
C VAL E 206 3.21 -9.30 21.77
N ASN E 207 2.63 -9.25 20.57
CA ASN E 207 3.06 -10.11 19.48
C ASN E 207 4.17 -9.44 18.68
N PHE E 208 5.25 -10.19 18.43
CA PHE E 208 6.38 -9.72 17.64
C PHE E 208 6.62 -10.70 16.49
N HIS E 209 6.96 -10.16 15.33
CA HIS E 209 7.16 -10.95 14.11
C HIS E 209 8.47 -10.52 13.47
N MET E 210 9.50 -11.36 13.55
CA MET E 210 10.82 -11.03 13.05
C MET E 210 11.08 -11.76 11.73
N PHE E 211 11.64 -11.04 10.78
CA PHE E 211 11.90 -11.54 9.43
C PHE E 211 13.40 -11.59 9.17
N ASP E 212 13.84 -12.62 8.45
CA ASP E 212 15.24 -12.78 8.08
C ASP E 212 15.29 -13.13 6.59
N VAL E 213 15.47 -12.12 5.75
CA VAL E 213 15.56 -12.31 4.31
C VAL E 213 16.90 -12.96 3.99
N GLY E 214 16.87 -14.19 3.49
CA GLY E 214 18.08 -14.91 3.21
C GLY E 214 18.07 -15.70 1.92
N GLY E 215 17.25 -15.28 0.97
CA GLY E 215 17.18 -15.97 -0.31
C GLY E 215 17.41 -15.06 -1.50
N GLN E 216 18.22 -14.01 -1.31
CA GLN E 216 18.46 -13.01 -2.33
C GLN E 216 19.96 -12.94 -2.64
N ARG E 217 20.30 -12.15 -3.65
CA ARG E 217 21.69 -11.90 -3.99
C ARG E 217 22.32 -10.95 -2.98
N ASP E 218 23.58 -10.61 -3.21
CA ASP E 218 24.30 -9.75 -2.29
C ASP E 218 23.94 -8.27 -2.45
N GLU E 219 23.22 -7.90 -3.50
CA GLU E 219 22.73 -6.54 -3.67
C GLU E 219 21.38 -6.39 -2.97
N ARG E 220 21.28 -5.37 -2.11
CA ARG E 220 20.09 -5.21 -1.28
C ARG E 220 19.50 -3.80 -1.34
N ARG E 221 19.94 -2.96 -2.28
CA ARG E 221 19.45 -1.59 -2.33
C ARG E 221 18.00 -1.50 -2.81
N LYS E 222 17.46 -2.57 -3.40
CA LYS E 222 16.09 -2.53 -3.92
C LYS E 222 15.09 -3.18 -2.97
N TRP E 223 15.36 -4.41 -2.55
CA TRP E 223 14.39 -5.12 -1.72
C TRP E 223 14.34 -4.61 -0.28
N ILE E 224 15.34 -3.83 0.15
CA ILE E 224 15.34 -3.33 1.52
C ILE E 224 14.32 -2.22 1.72
N GLN E 225 13.81 -1.62 0.64
CA GLN E 225 12.80 -0.58 0.77
C GLN E 225 11.45 -1.14 1.19
N CYS E 226 11.26 -2.45 1.14
CA CYS E 226 10.01 -3.05 1.58
C CYS E 226 9.82 -2.94 3.08
N PHE E 227 10.88 -2.65 3.83
CA PHE E 227 10.86 -2.67 5.29
C PHE E 227 11.03 -1.29 5.91
N ASN E 228 10.33 -0.32 5.32
CA ASN E 228 10.38 1.10 5.74
C ASN E 228 9.40 1.38 6.88
N ASP E 229 8.55 0.42 7.20
CA ASP E 229 7.50 0.61 8.18
C ASP E 229 7.61 -0.34 9.36
N VAL E 230 8.71 -1.08 9.48
CA VAL E 230 8.91 -1.97 10.62
C VAL E 230 9.15 -1.15 11.88
N THR E 231 8.87 -1.76 13.03
CA THR E 231 9.10 -1.10 14.30
C THR E 231 10.58 -0.85 14.54
N ALA E 232 11.42 -1.85 14.26
CA ALA E 232 12.84 -1.73 14.52
C ALA E 232 13.60 -2.69 13.60
N ILE E 233 14.89 -2.40 13.43
CA ILE E 233 15.81 -3.27 12.71
C ILE E 233 16.79 -3.83 13.73
N ILE E 234 16.94 -5.15 13.73
CA ILE E 234 17.87 -5.83 14.63
C ILE E 234 19.14 -6.12 13.84
N PHE E 235 20.21 -5.42 14.19
CA PHE E 235 21.49 -5.54 13.51
C PHE E 235 22.42 -6.39 14.38
N VAL E 236 22.89 -7.50 13.83
CA VAL E 236 23.77 -8.43 14.53
C VAL E 236 25.14 -8.37 13.90
N VAL E 237 26.18 -8.21 14.73
CA VAL E 237 27.56 -8.18 14.25
C VAL E 237 28.36 -9.21 15.03
N ASP E 238 29.44 -9.68 14.41
CA ASP E 238 30.41 -10.53 15.09
C ASP E 238 31.48 -9.63 15.68
N SER E 239 31.40 -9.37 17.00
CA SER E 239 32.30 -8.44 17.65
C SER E 239 33.73 -8.94 17.73
N SER E 240 33.94 -10.25 17.57
CA SER E 240 35.28 -10.82 17.67
C SER E 240 36.04 -10.80 16.34
N ASP E 241 35.38 -10.45 15.25
CA ASP E 241 35.99 -10.50 13.92
C ASP E 241 36.36 -9.08 13.51
N TYR E 242 37.62 -8.72 13.74
CA TYR E 242 38.07 -7.37 13.42
C TYR E 242 38.18 -7.17 11.91
N ASN E 243 38.43 -8.23 11.16
CA ASN E 243 38.58 -8.10 9.71
C ASN E 243 37.29 -7.64 9.05
N ARG E 244 36.15 -8.15 9.52
CA ARG E 244 34.85 -7.83 8.94
C ARG E 244 34.15 -6.69 9.65
N LEU E 245 34.79 -6.06 10.63
CA LEU E 245 34.13 -5.00 11.40
C LEU E 245 33.82 -3.79 10.54
N GLN E 246 34.74 -3.41 9.64
CA GLN E 246 34.51 -2.25 8.80
C GLN E 246 33.36 -2.47 7.83
N GLU E 247 33.20 -3.70 7.32
CA GLU E 247 32.06 -3.98 6.46
C GLU E 247 30.74 -3.81 7.21
N ALA E 248 30.69 -4.29 8.46
CA ALA E 248 29.50 -4.11 9.27
C ALA E 248 29.24 -2.64 9.56
N LEU E 249 30.29 -1.87 9.83
CA LEU E 249 30.13 -0.44 10.07
C LEU E 249 29.59 0.27 8.83
N ASN E 250 30.11 -0.10 7.65
CA ASN E 250 29.62 0.50 6.41
C ASN E 250 28.16 0.15 6.17
N LEU E 251 27.78 -1.11 6.41
CA LEU E 251 26.39 -1.51 6.24
C LEU E 251 25.49 -0.75 7.21
N PHE E 252 25.93 -0.59 8.45
CA PHE E 252 25.16 0.16 9.43
C PHE E 252 25.01 1.62 9.01
N LYS E 253 26.07 2.23 8.49
CA LYS E 253 25.99 3.61 8.02
C LYS E 253 25.02 3.74 6.85
N SER E 254 25.06 2.80 5.91
CA SER E 254 24.15 2.84 4.77
C SER E 254 22.70 2.69 5.22
N ILE E 255 22.46 1.78 6.18
CA ILE E 255 21.10 1.62 6.71
C ILE E 255 20.65 2.88 7.42
N TRP E 256 21.52 3.46 8.25
CA TRP E 256 21.16 4.63 9.04
C TRP E 256 20.85 5.83 8.15
N ASN E 257 21.64 6.05 7.10
CA ASN E 257 21.52 7.24 6.28
C ASN E 257 20.66 7.05 5.03
N ASN E 258 20.05 5.89 4.86
CA ASN E 258 19.18 5.68 3.70
C ASN E 258 17.94 6.56 3.81
N ARG E 259 17.47 7.01 2.65
CA ARG E 259 16.32 7.92 2.62
C ARG E 259 15.06 7.23 3.14
N TRP E 260 14.84 5.97 2.76
CA TRP E 260 13.65 5.25 3.18
C TRP E 260 13.80 4.54 4.51
N LEU E 261 15.01 4.40 5.03
CA LEU E 261 15.24 3.79 6.33
C LEU E 261 15.69 4.80 7.38
N ARG E 262 15.45 6.09 7.15
CA ARG E 262 15.94 7.14 8.04
C ARG E 262 15.12 7.27 9.31
N THR E 263 13.92 6.70 9.37
CA THR E 263 13.06 6.80 10.54
C THR E 263 13.00 5.52 11.36
N ILE E 264 13.72 4.49 10.95
CA ILE E 264 13.69 3.20 11.64
C ILE E 264 14.76 3.18 12.71
N SER E 265 14.37 2.85 13.94
CA SER E 265 15.33 2.65 15.00
C SER E 265 16.00 1.29 14.85
N VAL E 266 17.25 1.21 15.27
CA VAL E 266 18.07 0.01 15.11
C VAL E 266 18.44 -0.52 16.47
N ILE E 267 18.16 -1.80 16.71
CA ILE E 267 18.62 -2.51 17.90
C ILE E 267 19.90 -3.24 17.51
N LEU E 268 21.01 -2.87 18.16
CA LEU E 268 22.32 -3.39 17.80
C LEU E 268 22.72 -4.48 18.79
N PHE E 269 22.95 -5.68 18.26
CA PHE E 269 23.40 -6.81 19.04
C PHE E 269 24.85 -7.12 18.69
N LEU E 270 25.73 -7.05 19.67
CA LEU E 270 27.14 -7.42 19.50
C LEU E 270 27.29 -8.85 20.02
N ASN E 271 27.30 -9.81 19.12
CA ASN E 271 26.95 -11.19 19.45
C ASN E 271 28.01 -11.96 20.21
N LYS E 272 29.18 -12.19 19.61
CA LYS E 272 30.14 -13.15 20.15
C LYS E 272 31.07 -12.45 21.13
N GLN E 273 30.54 -12.18 22.33
CA GLN E 273 31.34 -11.54 23.36
C GLN E 273 32.30 -12.50 24.04
N ASP E 274 31.93 -13.78 24.17
CA ASP E 274 32.86 -14.76 24.72
C ASP E 274 34.06 -14.94 23.81
N LEU E 275 33.83 -15.03 22.50
CA LEU E 275 34.94 -15.10 21.56
C LEU E 275 35.77 -13.83 21.57
N LEU E 276 35.11 -12.67 21.74
CA LEU E 276 35.85 -11.42 21.84
C LEU E 276 36.76 -11.42 23.06
N ALA E 277 36.27 -11.89 24.20
CA ALA E 277 37.09 -11.95 25.40
C ALA E 277 38.24 -12.93 25.23
N GLU E 278 37.97 -14.09 24.62
CA GLU E 278 39.03 -15.07 24.37
C GLU E 278 40.11 -14.50 23.47
N LYS E 279 39.71 -13.78 22.42
CA LYS E 279 40.67 -13.21 21.49
C LYS E 279 41.48 -12.09 22.14
N VAL E 280 40.82 -11.23 22.93
CA VAL E 280 41.53 -10.14 23.59
C VAL E 280 42.52 -10.67 24.61
N LEU E 281 42.10 -11.66 25.41
CA LEU E 281 42.98 -12.20 26.43
C LEU E 281 44.11 -13.03 25.81
N ALA E 282 43.90 -13.57 24.61
CA ALA E 282 44.96 -14.32 23.94
C ALA E 282 46.15 -13.42 23.62
N GLY E 283 45.89 -12.21 23.14
CA GLY E 283 46.93 -11.25 22.83
C GLY E 283 47.51 -11.37 21.44
N LYS E 284 47.13 -12.39 20.67
CA LYS E 284 47.66 -12.54 19.32
C LYS E 284 47.19 -11.42 18.41
N SER E 285 45.88 -11.30 18.23
CA SER E 285 45.32 -10.26 17.38
C SER E 285 45.27 -8.92 18.10
N LYS E 286 45.41 -7.85 17.34
CA LYS E 286 45.43 -6.50 17.88
C LYS E 286 44.39 -5.64 17.17
N ILE E 287 43.60 -4.91 17.94
CA ILE E 287 42.58 -4.04 17.36
C ILE E 287 43.22 -2.87 16.63
N GLU E 288 44.33 -2.35 17.15
CA GLU E 288 44.97 -1.18 16.56
C GLU E 288 45.48 -1.46 15.15
N ASP E 289 45.64 -2.73 14.77
CA ASP E 289 46.01 -3.05 13.40
C ASP E 289 44.94 -2.63 12.41
N TYR E 290 43.66 -2.87 12.75
CA TYR E 290 42.55 -2.52 11.88
C TYR E 290 41.93 -1.17 12.22
N PHE E 291 42.05 -0.73 13.47
CA PHE E 291 41.49 0.56 13.91
C PHE E 291 42.58 1.33 14.62
N PRO E 292 43.33 2.16 13.90
CA PRO E 292 44.46 2.88 14.52
C PRO E 292 44.04 3.79 15.67
N GLU E 293 42.81 4.29 15.68
CA GLU E 293 42.38 5.19 16.74
C GLU E 293 42.16 4.49 18.07
N PHE E 294 42.24 3.16 18.11
CA PHE E 294 42.04 2.44 19.36
C PHE E 294 43.14 2.76 20.37
N ALA E 295 44.32 3.14 19.90
CA ALA E 295 45.42 3.45 20.82
C ALA E 295 45.15 4.69 21.66
N ARG E 296 44.32 5.60 21.19
CA ARG E 296 43.99 6.82 21.93
C ARG E 296 42.64 6.73 22.63
N TYR E 297 42.05 5.53 22.67
CA TYR E 297 40.73 5.35 23.26
C TYR E 297 40.83 5.02 24.74
N THR E 298 39.93 5.57 25.54
CA THR E 298 39.84 5.31 26.96
C THR E 298 38.43 4.85 27.30
N THR E 299 38.33 3.99 28.32
CA THR E 299 37.03 3.44 28.69
C THR E 299 36.10 4.57 29.15
N PRO E 300 34.85 4.57 28.70
CA PRO E 300 33.92 5.64 29.10
C PRO E 300 33.65 5.62 30.60
N GLU E 301 33.41 6.81 31.16
CA GLU E 301 33.10 6.91 32.58
C GLU E 301 31.79 6.23 32.94
N ASP E 302 30.86 6.14 31.99
CA ASP E 302 29.56 5.52 32.24
C ASP E 302 29.55 4.02 31.95
N ALA E 303 30.70 3.44 31.60
CA ALA E 303 30.76 2.01 31.35
C ALA E 303 30.45 1.22 32.62
N THR E 304 29.79 0.08 32.44
CA THR E 304 29.39 -0.79 33.55
C THR E 304 29.89 -2.19 33.28
N PRO E 305 31.18 -2.45 33.54
CA PRO E 305 31.72 -3.79 33.31
C PRO E 305 31.21 -4.79 34.33
N GLU E 306 31.13 -6.03 33.89
CA GLU E 306 30.79 -7.13 34.80
C GLU E 306 31.93 -7.33 35.78
N PRO E 307 31.66 -7.59 37.06
CA PRO E 307 32.74 -7.85 38.02
C PRO E 307 33.58 -9.05 37.59
N GLY E 308 34.89 -8.94 37.79
CA GLY E 308 35.82 -9.96 37.37
C GLY E 308 36.26 -9.88 35.93
N GLU E 309 35.74 -8.93 35.16
CA GLU E 309 36.10 -8.80 33.76
C GLU E 309 37.36 -7.95 33.61
N ASP E 310 38.28 -8.44 32.77
CA ASP E 310 39.57 -7.72 32.56
C ASP E 310 39.27 -6.34 31.95
N PRO E 311 39.95 -5.27 32.42
CA PRO E 311 39.74 -3.93 31.84
C PRO E 311 40.09 -3.85 30.36
N ARG E 312 41.00 -4.70 29.88
CA ARG E 312 41.28 -4.74 28.45
C ARG E 312 40.06 -5.21 27.66
N VAL E 313 39.38 -6.24 28.16
CA VAL E 313 38.16 -6.72 27.51
C VAL E 313 37.09 -5.65 27.51
N THR E 314 36.94 -4.95 28.64
CA THR E 314 35.96 -3.86 28.71
C THR E 314 36.30 -2.75 27.71
N ARG E 315 37.58 -2.39 27.61
CA ARG E 315 37.98 -1.35 26.67
C ARG E 315 37.69 -1.75 25.23
N ALA E 316 38.02 -2.98 24.86
CA ALA E 316 37.75 -3.44 23.50
C ALA E 316 36.25 -3.46 23.22
N LYS E 317 35.47 -3.99 24.18
CA LYS E 317 34.03 -4.07 24.04
C LYS E 317 33.41 -2.70 23.83
N TYR E 318 33.78 -1.73 24.67
CA TYR E 318 33.16 -0.42 24.60
C TYR E 318 33.68 0.38 23.42
N PHE E 319 34.91 0.13 22.97
CA PHE E 319 35.37 0.74 21.73
C PHE E 319 34.56 0.25 20.54
N ILE E 320 34.32 -1.06 20.47
CA ILE E 320 33.52 -1.60 19.36
C ILE E 320 32.10 -1.04 19.41
N ARG E 321 31.52 -0.92 20.61
CA ARG E 321 30.20 -0.33 20.73
C ARG E 321 30.19 1.14 20.30
N ASP E 322 31.18 1.92 20.76
CA ASP E 322 31.22 3.33 20.42
C ASP E 322 31.50 3.55 18.95
N GLU E 323 32.09 2.56 18.27
CA GLU E 323 32.28 2.68 16.83
C GLU E 323 30.93 2.82 16.11
N PHE E 324 29.95 2.01 16.49
CA PHE E 324 28.62 2.13 15.91
C PHE E 324 27.87 3.34 16.47
N LEU E 325 28.07 3.64 17.75
CA LEU E 325 27.38 4.78 18.34
C LEU E 325 27.80 6.10 17.71
N ARG E 326 29.06 6.19 17.26
CA ARG E 326 29.51 7.40 16.57
C ARG E 326 28.73 7.63 15.28
N ILE E 327 28.49 6.57 14.51
CA ILE E 327 27.68 6.69 13.31
C ILE E 327 26.25 7.04 13.68
N SER E 328 25.72 6.41 14.73
CA SER E 328 24.31 6.61 15.09
C SER E 328 24.06 8.05 15.53
N THR E 329 25.00 8.66 16.23
CA THR E 329 24.80 10.01 16.76
C THR E 329 25.26 11.10 15.81
N ALA E 330 25.73 10.76 14.61
CA ALA E 330 26.25 11.76 13.68
C ALA E 330 25.18 12.38 12.79
N SER E 331 23.97 11.84 12.77
CA SER E 331 22.90 12.35 11.92
C SER E 331 21.59 11.72 12.38
N GLY E 332 20.50 12.09 11.70
CA GLY E 332 19.18 11.63 12.03
C GLY E 332 18.41 12.52 12.99
N ASP E 333 19.09 13.50 13.60
CA ASP E 333 18.53 14.55 14.44
C ASP E 333 17.40 14.09 15.37
N GLY E 334 17.50 12.85 15.86
CA GLY E 334 16.49 12.35 16.82
C GLY E 334 15.30 11.69 16.15
N ARG E 335 15.19 11.44 14.89
CA ARG E 335 13.94 10.76 14.47
C ARG E 335 14.06 9.28 14.82
N HIS E 336 15.26 8.80 15.13
CA HIS E 336 15.46 7.37 15.35
C HIS E 336 16.74 7.18 16.15
N TYR E 337 16.84 6.03 16.81
CA TYR E 337 17.83 5.82 17.85
C TYR E 337 18.45 4.43 17.70
N CYS E 338 19.58 4.24 18.36
CA CYS E 338 20.29 2.97 18.39
C CYS E 338 20.31 2.44 19.81
N TYR E 339 20.01 1.15 19.96
CA TYR E 339 19.99 0.49 21.27
C TYR E 339 21.01 -0.64 21.25
N PRO E 340 22.23 -0.39 21.72
CA PRO E 340 23.26 -1.44 21.69
C PRO E 340 23.14 -2.39 22.87
N HIS E 341 23.38 -3.67 22.58
CA HIS E 341 23.35 -4.70 23.61
C HIS E 341 24.49 -5.69 23.38
N PHE E 342 25.18 -6.05 24.46
CA PHE E 342 26.17 -7.11 24.40
C PHE E 342 25.48 -8.46 24.56
N THR E 343 25.75 -9.38 23.63
CA THR E 343 25.00 -10.62 23.53
C THR E 343 25.96 -11.79 23.74
N CYS E 344 25.41 -12.99 23.75
CA CYS E 344 26.18 -14.23 23.85
C CYS E 344 25.39 -15.34 23.17
N ALA E 345 26.09 -16.42 22.84
CA ALA E 345 25.43 -17.55 22.20
C ALA E 345 24.47 -18.27 23.14
N VAL E 346 24.61 -18.09 24.45
CA VAL E 346 23.78 -18.78 25.42
C VAL E 346 22.94 -17.77 26.21
N ASP E 347 22.58 -16.66 25.56
CA ASP E 347 21.76 -15.64 26.19
C ASP E 347 20.28 -15.97 26.00
N THR E 348 19.54 -15.98 27.12
CA THR E 348 18.12 -16.28 27.09
C THR E 348 17.24 -15.07 27.41
N GLU E 349 17.81 -13.86 27.41
CA GLU E 349 17.08 -12.65 27.75
C GLU E 349 16.94 -11.69 26.57
N ASN E 350 17.21 -12.18 25.36
CA ASN E 350 17.17 -11.31 24.18
C ASN E 350 15.77 -10.86 23.85
N ALA E 351 14.77 -11.73 24.07
CA ALA E 351 13.39 -11.35 23.81
C ALA E 351 12.96 -10.19 24.71
N ARG E 352 13.36 -10.23 25.98
CA ARG E 352 13.03 -9.14 26.89
C ARG E 352 13.70 -7.83 26.46
N ARG E 353 14.95 -7.92 25.99
CA ARG E 353 15.64 -6.73 25.50
C ARG E 353 14.92 -6.14 24.29
N ILE E 354 14.51 -6.99 23.34
CA ILE E 354 13.79 -6.50 22.18
C ILE E 354 12.46 -5.88 22.60
N PHE E 355 11.78 -6.51 23.56
CA PHE E 355 10.50 -5.98 24.05
C PHE E 355 10.69 -4.58 24.65
N ASN E 356 11.70 -4.43 25.51
CA ASN E 356 11.97 -3.13 26.12
C ASN E 356 12.34 -2.09 25.09
N ASP E 357 13.18 -2.46 24.12
CA ASP E 357 13.59 -1.50 23.10
C ASP E 357 12.41 -1.07 22.24
N CYS E 358 11.54 -2.00 21.85
CA CYS E 358 10.36 -1.64 21.08
C CYS E 358 9.43 -0.75 21.88
N ARG E 359 9.26 -1.05 23.18
CA ARG E 359 8.45 -0.20 24.03
C ARG E 359 9.00 1.22 24.08
N ASP E 360 10.32 1.35 24.24
CA ASP E 360 10.93 2.67 24.27
C ASP E 360 10.78 3.39 22.93
N ILE E 361 10.93 2.65 21.83
CA ILE E 361 10.80 3.26 20.50
C ILE E 361 9.41 3.82 20.31
N ILE E 362 8.39 3.04 20.63
CA ILE E 362 7.02 3.50 20.40
C ILE E 362 6.63 4.59 21.39
N GLN E 363 7.13 4.54 22.62
CA GLN E 363 6.87 5.62 23.56
C GLN E 363 7.51 6.92 23.08
N ARG E 364 8.72 6.85 22.54
CA ARG E 364 9.37 8.05 22.01
C ARG E 364 8.63 8.58 20.79
N MET E 365 8.12 7.69 19.95
CA MET E 365 7.32 8.11 18.80
C MET E 365 6.06 8.84 19.25
N HIS E 366 5.38 8.29 20.27
CA HIS E 366 4.17 8.94 20.78
C HIS E 366 4.49 10.28 21.42
N LEU E 367 5.60 10.37 22.14
CA LEU E 367 6.01 11.65 22.72
C LEU E 367 6.30 12.67 21.63
N ARG E 368 6.98 12.24 20.56
CA ARG E 368 7.29 13.16 19.47
C ARG E 368 6.03 13.65 18.76
N GLN E 369 5.08 12.74 18.51
CA GLN E 369 3.89 13.13 17.76
C GLN E 369 2.96 14.02 18.56
N TYR E 370 3.08 14.03 19.88
CA TYR E 370 2.25 14.88 20.73
C TYR E 370 2.96 16.17 21.12
N GLU E 371 4.05 16.52 20.44
CA GLU E 371 4.83 17.73 20.72
C GLU E 371 5.38 17.75 22.13
N LEU E 372 5.61 16.57 22.70
CA LEU E 372 6.24 16.45 24.02
C LEU E 372 7.69 16.01 23.95
N LEU E 373 8.26 15.90 22.75
CA LEU E 373 9.65 15.50 22.56
C LEU E 373 9.97 14.17 23.23
N ALA F 1 33.18 -18.24 -19.90
CA ALA F 1 33.59 -17.27 -20.91
C ALA F 1 32.58 -16.14 -21.01
N GLN F 2 32.47 -15.35 -19.94
CA GLN F 2 31.54 -14.23 -19.93
C GLN F 2 31.93 -13.16 -20.95
N ALA F 3 33.24 -12.91 -21.11
CA ALA F 3 33.68 -11.93 -22.08
C ALA F 3 33.38 -12.39 -23.50
N ARG F 4 33.56 -13.69 -23.77
CA ARG F 4 33.23 -14.22 -25.09
C ARG F 4 31.75 -14.09 -25.39
N LYS F 5 30.90 -14.38 -24.41
CA LYS F 5 29.46 -14.22 -24.60
C LYS F 5 29.09 -12.77 -24.83
N LEU F 6 29.70 -11.85 -24.09
CA LEU F 6 29.42 -10.43 -24.29
C LEU F 6 29.85 -9.98 -25.68
N VAL F 7 31.03 -10.45 -26.14
CA VAL F 7 31.50 -10.10 -27.47
C VAL F 7 30.56 -10.65 -28.54
N GLU F 8 30.09 -11.89 -28.36
CA GLU F 8 29.16 -12.47 -29.31
C GLU F 8 27.86 -11.68 -29.37
N GLN F 9 27.34 -11.28 -28.21
CA GLN F 9 26.12 -10.48 -28.16
C GLN F 9 26.32 -9.13 -28.83
N LEU F 10 27.48 -8.50 -28.60
CA LEU F 10 27.76 -7.22 -29.24
C LEU F 10 27.88 -7.37 -30.75
N LYS F 11 28.46 -8.48 -31.21
CA LYS F 11 28.49 -8.75 -32.64
C LYS F 11 27.09 -8.92 -33.20
N MET F 12 26.21 -9.59 -32.46
CA MET F 12 24.82 -9.73 -32.90
C MET F 12 24.12 -8.39 -32.95
N GLU F 13 24.41 -7.51 -31.98
CA GLU F 13 23.72 -6.22 -31.91
C GLU F 13 24.23 -5.24 -32.95
N ALA F 14 25.42 -5.46 -33.51
CA ALA F 14 26.00 -4.56 -34.50
C ALA F 14 25.51 -4.85 -35.92
N ASN F 15 24.63 -5.83 -36.08
CA ASN F 15 24.08 -6.19 -37.39
C ASN F 15 22.68 -5.62 -37.59
N ILE F 16 22.22 -4.72 -36.71
CA ILE F 16 20.88 -4.19 -36.81
C ILE F 16 20.78 -3.22 -37.98
N ASP F 17 19.74 -3.40 -38.79
CA ASP F 17 19.47 -2.51 -39.93
C ASP F 17 18.73 -1.29 -39.39
N ARG F 18 19.47 -0.22 -39.13
CA ARG F 18 18.93 0.98 -38.50
C ARG F 18 18.29 1.90 -39.53
N ILE F 19 17.29 2.65 -39.08
CA ILE F 19 16.64 3.66 -39.89
C ILE F 19 17.00 5.04 -39.35
N LYS F 20 16.66 6.07 -40.11
CA LYS F 20 17.00 7.43 -39.72
C LYS F 20 16.12 7.89 -38.58
N VAL F 21 16.67 8.77 -37.73
CA VAL F 21 15.94 9.28 -36.57
C VAL F 21 14.78 10.15 -37.03
N SER F 22 14.97 10.92 -38.10
CA SER F 22 13.90 11.79 -38.59
C SER F 22 12.67 10.98 -39.01
N LYS F 23 12.91 9.84 -39.67
CA LYS F 23 11.80 8.98 -40.07
C LYS F 23 11.04 8.45 -38.86
N ALA F 24 11.77 8.02 -37.82
CA ALA F 24 11.12 7.52 -36.62
C ALA F 24 10.30 8.61 -35.94
N ALA F 25 10.86 9.82 -35.85
CA ALA F 25 10.14 10.93 -35.25
C ALA F 25 8.89 11.26 -36.06
N ALA F 26 9.00 11.25 -37.39
CA ALA F 26 7.85 11.51 -38.24
C ALA F 26 6.77 10.46 -38.04
N ASP F 27 7.17 9.22 -37.88
CA ASP F 27 6.20 8.12 -37.71
C ASP F 27 5.51 8.26 -36.34
N LEU F 28 6.25 8.65 -35.31
CA LEU F 28 5.66 8.86 -33.99
C LEU F 28 4.66 10.02 -34.03
N MET F 29 5.05 11.12 -34.67
CA MET F 29 4.15 12.27 -34.78
C MET F 29 2.90 11.91 -35.57
N ALA F 30 3.06 11.14 -36.64
CA ALA F 30 1.91 10.73 -37.44
C ALA F 30 0.95 9.89 -36.63
N TYR F 31 1.46 8.94 -35.85
CA TYR F 31 0.59 8.14 -35.00
C TYR F 31 -0.13 9.01 -33.98
N CYS F 32 0.59 9.93 -33.34
CA CYS F 32 -0.03 10.76 -32.31
C CYS F 32 -1.13 11.64 -32.88
N GLU F 33 -0.89 12.25 -34.05
CA GLU F 33 -1.93 13.06 -34.68
C GLU F 33 -3.10 12.20 -35.17
N ALA F 34 -2.81 11.03 -35.72
CA ALA F 34 -3.90 10.19 -36.23
C ALA F 34 -4.81 9.71 -35.12
N HIS F 35 -4.25 9.32 -33.98
CA HIS F 35 -5.04 8.75 -32.89
C HIS F 35 -5.39 9.76 -31.81
N ALA F 36 -5.18 11.05 -32.06
CA ALA F 36 -5.56 12.07 -31.09
C ALA F 36 -7.06 12.17 -30.92
N LYS F 37 -7.84 11.73 -31.92
CA LYS F 37 -9.29 11.83 -31.83
C LYS F 37 -9.85 10.94 -30.73
N GLU F 38 -9.34 9.71 -30.61
CA GLU F 38 -9.76 8.78 -29.57
C GLU F 38 -8.73 8.86 -28.45
N ASP F 39 -8.87 9.85 -27.58
CA ASP F 39 -8.02 9.98 -26.41
C ASP F 39 -8.75 10.79 -25.35
N PRO F 40 -9.47 10.14 -24.44
CA PRO F 40 -10.19 10.89 -23.39
C PRO F 40 -9.28 11.73 -22.52
N LEU F 41 -8.04 11.29 -22.28
CA LEU F 41 -7.13 12.09 -21.46
C LEU F 41 -6.65 13.33 -22.19
N LEU F 42 -6.60 13.29 -23.53
CA LEU F 42 -6.18 14.45 -24.29
C LEU F 42 -7.27 15.52 -24.31
N THR F 43 -8.46 15.13 -24.74
CA THR F 43 -9.62 16.04 -24.68
C THR F 43 -10.47 15.66 -23.48
N PRO F 44 -10.61 16.51 -22.43
CA PRO F 44 -11.47 16.15 -21.33
C PRO F 44 -12.80 15.71 -21.94
N VAL F 45 -13.37 14.60 -21.46
CA VAL F 45 -14.63 14.06 -22.04
C VAL F 45 -15.80 14.72 -21.30
N PRO F 46 -16.89 15.13 -21.97
CA PRO F 46 -18.04 15.66 -21.24
C PRO F 46 -18.61 14.63 -20.27
N ALA F 47 -19.22 15.14 -19.20
CA ALA F 47 -19.72 14.27 -18.14
C ALA F 47 -20.86 13.36 -18.61
N SER F 48 -21.44 13.64 -19.77
CA SER F 48 -22.54 12.82 -20.26
C SER F 48 -22.10 11.38 -20.52
N GLU F 49 -20.95 11.21 -21.16
CA GLU F 49 -20.44 9.88 -21.47
C GLU F 49 -19.21 9.51 -20.64
N ASN F 50 -18.97 10.21 -19.54
CA ASN F 50 -17.84 9.90 -18.66
C ASN F 50 -18.30 8.88 -17.62
N PRO F 51 -17.76 7.66 -17.63
CA PRO F 51 -18.19 6.66 -16.62
C PRO F 51 -17.83 7.05 -15.20
N PHE F 52 -16.87 7.96 -15.01
CA PHE F 52 -16.46 8.37 -13.68
C PHE F 52 -16.97 9.78 -13.37
#